data_2Y1N
#
_entry.id   2Y1N
#
_cell.length_a   93.570
_cell.length_b   93.570
_cell.length_c   189.599
_cell.angle_alpha   90.00
_cell.angle_beta   90.00
_cell.angle_gamma   120.00
#
_symmetry.space_group_name_H-M   'P 65'
#
loop_
_entity.id
_entity.type
_entity.pdbx_description
1 polymer 'E3 UBIQUITIN-PROTEIN LIGASE'
2 polymer 'TYROSINE-PROTEIN KINASE ZAP-70 ZAP-70,70 KDA ZETA-ASSOCIATED PROTEIN, SYK-RELATED TYROSINE KINASE'
3 non-polymer 'ZINC ION'
4 non-polymer 'CALCIUM ION'
5 water water
#
loop_
_entity_poly.entity_id
_entity_poly.type
_entity_poly.pdbx_seq_one_letter_code
_entity_poly.pdbx_strand_id
1 'polypeptide(L)'
;PPGTVDKKMVEKCWKLMDKVVRLCQNPKLALKNSPPYILDLLPDTYQHLRTILSRYEGKMETLGENEYFRVFMENLMKKT
KQTISLFKEGKERMYEENSQPRRNLTKLSLIFSHMLAELKGIFPSGLFQGDTFRITKADAAEFWRKAFGEKTIVPWKSFR
QALHEVHPISSGLEAMALKSTIDLTCNDYISVFEFDIFTRLFQPWSSLLRNWNSLAVTHPGYMAFLTYDEVKARLQKFIH
KPGSYIFRLSCTRLGQWAIGYVTADGNILQTIPHNKPLFQALIDGFREGFYLFPDGRNQNPDLTGLCEPTPQDHIKVTQE
QYELYCEMGSTFQLCKICAENDKDVKIEPCGHLMCTSCLTSWQESEGQGCPFCRCEIKGTEPIVVDPFD
;
A,C
2 'polypeptide(L)' TLNSDG(PTR)TPEPA B,D
#
loop_
_chem_comp.id
_chem_comp.type
_chem_comp.name
_chem_comp.formula
CA non-polymer 'CALCIUM ION' 'Ca 2'
ZN non-polymer 'ZINC ION' 'Zn 2'
#
# COMPACT_ATOMS: atom_id res chain seq x y z
N ASP A 6 -25.62 -2.86 -16.02
CA ASP A 6 -25.42 -1.42 -16.10
C ASP A 6 -24.94 -0.80 -14.78
N LYS A 7 -25.74 0.14 -14.26
CA LYS A 7 -25.57 0.70 -12.91
C LYS A 7 -26.78 0.30 -12.08
N LYS A 8 -27.73 -0.36 -12.75
CA LYS A 8 -28.95 -0.88 -12.12
C LYS A 8 -28.62 -2.09 -11.25
N MET A 9 -27.53 -2.78 -11.58
CA MET A 9 -27.02 -3.80 -10.68
C MET A 9 -26.89 -3.20 -9.29
N VAL A 10 -26.17 -2.09 -9.18
CA VAL A 10 -25.98 -1.43 -7.89
C VAL A 10 -27.33 -1.00 -7.32
N GLU A 11 -28.27 -0.66 -8.19
CA GLU A 11 -29.64 -0.34 -7.74
C GLU A 11 -30.42 -1.57 -7.31
N LYS A 12 -30.35 -2.64 -8.09
CA LYS A 12 -30.99 -3.91 -7.75
C LYS A 12 -30.39 -4.42 -6.44
N CYS A 13 -29.08 -4.31 -6.34
CA CYS A 13 -28.39 -4.86 -5.20
C CYS A 13 -28.74 -4.10 -3.94
N TRP A 14 -28.91 -2.78 -4.04
CA TRP A 14 -29.24 -2.05 -2.82
C TRP A 14 -30.63 -2.38 -2.29
N LYS A 15 -31.57 -2.64 -3.19
CA LYS A 15 -32.90 -3.04 -2.77
C LYS A 15 -32.77 -4.32 -1.95
N LEU A 16 -31.91 -5.23 -2.42
CA LEU A 16 -31.67 -6.48 -1.73
C LEU A 16 -30.83 -6.32 -0.46
N MET A 17 -29.85 -5.44 -0.50
CA MET A 17 -29.04 -5.17 0.68
C MET A 17 -29.88 -4.52 1.76
N ASP A 18 -30.73 -3.59 1.35
CA ASP A 18 -31.62 -2.93 2.30
C ASP A 18 -32.52 -3.95 2.98
N LYS A 19 -33.05 -4.88 2.19
CA LYS A 19 -33.89 -5.94 2.73
C LYS A 19 -33.17 -6.71 3.84
N VAL A 20 -31.92 -7.11 3.59
CA VAL A 20 -31.15 -7.83 4.59
C VAL A 20 -30.96 -6.98 5.83
N VAL A 21 -30.57 -5.71 5.63
CA VAL A 21 -30.40 -4.77 6.75
C VAL A 21 -31.63 -4.76 7.62
N ARG A 22 -32.81 -4.65 7.03
CA ARG A 22 -34.03 -4.66 7.84
C ARG A 22 -34.12 -5.93 8.65
N LEU A 23 -33.78 -7.05 8.01
CA LEU A 23 -33.89 -8.35 8.67
C LEU A 23 -32.99 -8.45 9.90
N CYS A 24 -31.73 -8.04 9.77
CA CYS A 24 -30.76 -8.12 10.85
C CYS A 24 -30.84 -7.00 11.89
N GLN A 25 -31.56 -5.92 11.56
CA GLN A 25 -31.78 -4.82 12.51
C GLN A 25 -32.75 -5.25 13.60
N ASN A 26 -33.45 -6.35 13.33
CA ASN A 26 -34.45 -6.88 14.25
C ASN A 26 -33.85 -6.92 15.63
N PRO A 27 -34.51 -6.25 16.58
CA PRO A 27 -34.11 -6.29 17.99
C PRO A 27 -34.14 -7.72 18.51
N LYS A 28 -35.04 -8.54 17.97
CA LYS A 28 -35.14 -9.93 18.39
C LYS A 28 -33.81 -10.63 18.16
N LEU A 29 -33.09 -10.15 17.13
CA LEU A 29 -31.85 -10.77 16.67
C LEU A 29 -30.69 -10.41 17.57
N ALA A 30 -30.63 -9.14 17.95
CA ALA A 30 -29.62 -8.70 18.92
C ALA A 30 -28.19 -8.93 18.44
N LEU A 31 -27.85 -8.41 17.27
CA LEU A 31 -26.47 -8.48 16.78
C LEU A 31 -25.58 -7.58 17.61
N LYS A 32 -24.43 -8.07 18.03
CA LYS A 32 -23.49 -7.23 18.73
C LYS A 32 -22.74 -6.48 17.66
N ASN A 33 -22.35 -5.25 17.97
CA ASN A 33 -21.55 -4.50 17.02
C ASN A 33 -20.08 -4.91 17.09
N SER A 34 -19.77 -6.19 16.89
CA SER A 34 -18.39 -6.63 16.89
C SER A 34 -18.08 -7.29 15.56
N PRO A 35 -17.08 -6.74 14.85
CA PRO A 35 -16.65 -7.24 13.55
C PRO A 35 -16.47 -8.76 13.53
N PRO A 36 -17.11 -9.42 12.56
CA PRO A 36 -17.86 -8.82 11.45
C PRO A 36 -19.27 -8.41 11.86
N TYR A 37 -19.62 -7.17 11.52
CA TYR A 37 -20.92 -6.59 11.85
C TYR A 37 -21.66 -6.30 10.56
N ILE A 38 -22.62 -7.16 10.22
CA ILE A 38 -23.29 -7.02 8.93
C ILE A 38 -24.01 -5.67 8.74
N LEU A 39 -24.46 -5.07 9.84
CA LEU A 39 -25.18 -3.80 9.76
C LEU A 39 -24.33 -2.59 9.34
N ASP A 40 -23.00 -2.74 9.40
CA ASP A 40 -22.05 -1.76 8.86
C ASP A 40 -21.55 -2.20 7.50
N LEU A 41 -21.15 -3.46 7.38
CA LEU A 41 -20.60 -3.99 6.14
C LEU A 41 -21.49 -3.71 4.94
N LEU A 42 -22.78 -3.92 5.07
CA LEU A 42 -23.63 -3.77 3.90
C LEU A 42 -23.69 -2.33 3.42
N PRO A 43 -24.02 -1.39 4.33
CA PRO A 43 -24.02 0.04 3.96
C PRO A 43 -22.63 0.47 3.49
N ASP A 44 -21.58 -0.03 4.13
CA ASP A 44 -20.22 0.29 3.70
C ASP A 44 -19.97 -0.25 2.29
N THR A 45 -20.49 -1.43 2.00
CA THR A 45 -20.32 -2.02 0.68
C THR A 45 -21.03 -1.16 -0.34
N TYR A 46 -22.20 -0.66 0.03
CA TYR A 46 -22.98 0.21 -0.84
C TYR A 46 -22.29 1.55 -1.13
N GLN A 47 -21.70 2.15 -0.11
CA GLN A 47 -21.03 3.43 -0.29
C GLN A 47 -19.82 3.24 -1.18
N HIS A 48 -19.03 2.22 -0.91
CA HIS A 48 -17.86 1.99 -1.72
C HIS A 48 -18.30 1.78 -3.17
N LEU A 49 -19.45 1.14 -3.36
CA LEU A 49 -20.00 0.94 -4.70
C LEU A 49 -20.42 2.26 -5.35
N ARG A 50 -21.13 3.10 -4.60
CA ARG A 50 -21.50 4.42 -5.10
C ARG A 50 -20.24 5.15 -5.56
N THR A 51 -19.21 5.12 -4.70
CA THR A 51 -17.95 5.82 -4.94
C THR A 51 -17.31 5.35 -6.22
N ILE A 52 -17.49 4.09 -6.53
CA ILE A 52 -16.92 3.56 -7.76
C ILE A 52 -17.65 4.13 -8.96
N LEU A 53 -18.97 4.18 -8.89
CA LEU A 53 -19.75 4.74 -9.97
C LEU A 53 -19.30 6.17 -10.20
N SER A 54 -19.18 6.91 -9.11
CA SER A 54 -18.79 8.30 -9.15
C SER A 54 -17.50 8.56 -9.93
N ARG A 55 -16.49 7.70 -9.76
CA ARG A 55 -15.23 7.90 -10.46
C ARG A 55 -15.29 7.42 -11.90
N TYR A 56 -16.21 6.49 -12.16
CA TYR A 56 -16.38 6.00 -13.53
C TYR A 56 -17.64 6.60 -14.15
N GLU A 57 -18.18 7.60 -13.47
CA GLU A 57 -19.16 8.50 -14.05
C GLU A 57 -18.54 9.17 -15.27
N GLY A 58 -19.00 8.79 -16.46
CA GLY A 58 -18.41 9.31 -17.69
C GLY A 58 -17.54 8.28 -18.37
N LYS A 59 -16.93 7.40 -17.58
CA LYS A 59 -16.15 6.29 -18.11
C LYS A 59 -16.91 4.99 -17.89
N MET A 60 -18.24 5.06 -17.89
CA MET A 60 -19.06 3.89 -17.58
C MET A 60 -18.81 2.71 -18.53
N GLU A 61 -18.22 2.99 -19.68
CA GLU A 61 -17.89 1.96 -20.63
C GLU A 61 -16.65 1.18 -20.18
N THR A 62 -15.65 1.91 -19.71
CA THR A 62 -14.49 1.26 -19.11
C THR A 62 -14.94 0.32 -17.99
N LEU A 63 -15.87 0.81 -17.15
CA LEU A 63 -16.33 0.07 -15.98
C LEU A 63 -17.01 -1.24 -16.31
N GLY A 64 -17.95 -1.20 -17.27
CA GLY A 64 -18.69 -2.37 -17.68
C GLY A 64 -17.85 -3.49 -18.28
N GLU A 65 -16.65 -3.14 -18.70
CA GLU A 65 -15.75 -4.12 -19.29
C GLU A 65 -14.87 -4.79 -18.21
N ASN A 66 -14.84 -4.20 -17.01
CA ASN A 66 -14.08 -4.75 -15.90
C ASN A 66 -14.70 -6.06 -15.47
N GLU A 67 -13.98 -7.16 -15.65
CA GLU A 67 -14.55 -8.44 -15.28
C GLU A 67 -14.76 -8.57 -13.78
N TYR A 68 -13.74 -8.21 -12.99
CA TYR A 68 -13.84 -8.35 -11.53
C TYR A 68 -15.11 -7.73 -11.02
N PHE A 69 -15.45 -6.57 -11.58
CA PHE A 69 -16.61 -5.82 -11.13
C PHE A 69 -17.89 -6.54 -11.53
N ARG A 70 -17.94 -7.03 -12.77
CA ARG A 70 -19.10 -7.80 -13.21
C ARG A 70 -19.28 -9.00 -12.27
N VAL A 71 -18.22 -9.79 -12.14
CA VAL A 71 -18.24 -10.91 -11.22
C VAL A 71 -18.63 -10.46 -9.80
N PHE A 72 -18.02 -9.40 -9.28
CA PHE A 72 -18.32 -8.99 -7.90
C PHE A 72 -19.81 -8.72 -7.68
N MET A 73 -20.41 -7.92 -8.56
CA MET A 73 -21.82 -7.57 -8.45
C MET A 73 -22.73 -8.79 -8.56
N GLU A 74 -22.29 -9.80 -9.30
CA GLU A 74 -23.08 -11.01 -9.48
C GLU A 74 -23.10 -11.79 -8.18
N ASN A 75 -21.93 -11.90 -7.57
CA ASN A 75 -21.85 -12.49 -6.24
C ASN A 75 -22.62 -11.72 -5.14
N LEU A 76 -22.61 -10.40 -5.22
CA LEU A 76 -23.31 -9.57 -4.24
C LEU A 76 -24.80 -9.91 -4.26
N MET A 77 -25.36 -10.04 -5.45
CA MET A 77 -26.77 -10.30 -5.56
C MET A 77 -27.08 -11.68 -5.01
N LYS A 78 -26.32 -12.69 -5.44
CA LYS A 78 -26.52 -14.05 -4.97
C LYS A 78 -26.44 -14.16 -3.44
N LYS A 79 -25.46 -13.49 -2.85
CA LYS A 79 -25.23 -13.59 -1.42
C LYS A 79 -26.32 -12.91 -0.60
N THR A 80 -26.78 -11.74 -1.04
CA THR A 80 -27.86 -11.07 -0.34
C THR A 80 -29.11 -11.91 -0.52
N LYS A 81 -29.38 -12.34 -1.75
CA LYS A 81 -30.49 -13.26 -2.00
C LYS A 81 -30.46 -14.46 -1.05
N GLN A 82 -29.29 -15.02 -0.80
CA GLN A 82 -29.15 -16.18 0.09
C GLN A 82 -29.49 -15.84 1.53
N THR A 83 -29.04 -14.67 1.97
CA THR A 83 -29.27 -14.20 3.32
C THR A 83 -30.77 -14.03 3.58
N ILE A 84 -31.49 -13.44 2.63
CA ILE A 84 -32.94 -13.25 2.70
C ILE A 84 -33.67 -14.59 2.81
N SER A 85 -33.16 -15.59 2.10
CA SER A 85 -33.73 -16.92 2.16
C SER A 85 -33.41 -17.64 3.45
N LEU A 86 -32.22 -17.37 4.01
CA LEU A 86 -31.85 -17.97 5.28
C LEU A 86 -32.83 -17.55 6.37
N PHE A 87 -33.21 -16.28 6.35
CA PHE A 87 -34.18 -15.79 7.31
C PHE A 87 -35.55 -16.40 6.99
N LYS A 88 -35.88 -16.44 5.71
CA LYS A 88 -37.17 -16.94 5.26
C LYS A 88 -37.37 -18.38 5.71
N GLU A 89 -36.36 -19.23 5.49
CA GLU A 89 -36.46 -20.63 5.88
C GLU A 89 -36.05 -20.86 7.32
N GLY A 90 -35.28 -19.93 7.87
CA GLY A 90 -34.77 -20.08 9.22
C GLY A 90 -35.79 -19.68 10.27
N LYS A 91 -36.62 -18.72 9.92
CA LYS A 91 -37.68 -18.25 10.80
C LYS A 91 -37.17 -17.95 12.22
N GLU A 92 -37.83 -18.48 13.25
CA GLU A 92 -37.49 -18.04 14.61
C GLU A 92 -36.20 -18.68 15.10
N ARG A 93 -35.65 -19.60 14.33
CA ARG A 93 -34.34 -20.17 14.66
C ARG A 93 -33.28 -19.07 14.58
N MET A 94 -33.60 -18.01 13.83
CA MET A 94 -32.64 -16.94 13.57
C MET A 94 -32.39 -16.12 14.83
N TYR A 95 -33.37 -16.10 15.71
CA TYR A 95 -33.23 -15.32 16.93
C TYR A 95 -32.64 -16.17 18.04
N GLU A 96 -32.43 -17.44 17.74
CA GLU A 96 -31.78 -18.33 18.69
C GLU A 96 -30.27 -18.28 18.48
N GLU A 97 -29.60 -17.58 19.40
CA GLU A 97 -28.19 -17.24 19.27
C GLU A 97 -27.33 -18.36 18.73
N ASN A 98 -27.57 -19.56 19.24
CA ASN A 98 -26.66 -20.67 19.05
C ASN A 98 -27.11 -21.65 17.97
N SER A 99 -28.10 -21.23 17.17
CA SER A 99 -28.63 -22.10 16.13
C SER A 99 -27.70 -22.17 14.92
N GLN A 100 -27.86 -23.23 14.13
CA GLN A 100 -27.11 -23.40 12.88
C GLN A 100 -27.57 -22.39 11.82
N PRO A 101 -28.87 -22.10 11.74
CA PRO A 101 -29.28 -21.02 10.82
C PRO A 101 -28.59 -19.71 11.20
N ARG A 102 -28.54 -19.45 12.49
CA ARG A 102 -27.86 -18.26 12.98
C ARG A 102 -26.38 -18.36 12.64
N ARG A 103 -25.81 -19.52 12.92
CA ARG A 103 -24.42 -19.77 12.59
C ARG A 103 -24.20 -19.48 11.13
N ASN A 104 -25.14 -19.89 10.27
CA ASN A 104 -25.01 -19.59 8.84
C ASN A 104 -25.03 -18.10 8.57
N LEU A 105 -25.73 -17.34 9.41
CA LEU A 105 -25.73 -15.88 9.27
C LEU A 105 -24.37 -15.35 9.66
N THR A 106 -23.77 -15.96 10.67
CA THR A 106 -22.42 -15.57 11.05
C THR A 106 -21.45 -15.80 9.89
N LYS A 107 -21.57 -16.93 9.20
CA LYS A 107 -20.74 -17.26 8.06
C LYS A 107 -20.87 -16.24 6.93
N LEU A 108 -22.11 -15.85 6.66
CA LEU A 108 -22.40 -14.83 5.66
C LEU A 108 -21.81 -13.47 6.05
N SER A 109 -21.86 -13.15 7.35
CA SER A 109 -21.24 -11.94 7.86
C SER A 109 -19.77 -11.91 7.46
N LEU A 110 -19.05 -12.98 7.78
CA LEU A 110 -17.64 -13.11 7.43
C LEU A 110 -17.41 -13.03 5.92
N ILE A 111 -18.33 -13.57 5.13
CA ILE A 111 -18.17 -13.60 3.69
C ILE A 111 -18.32 -12.21 3.10
N PHE A 112 -19.25 -11.45 3.66
CA PHE A 112 -19.47 -10.07 3.28
C PHE A 112 -18.28 -9.22 3.67
N SER A 113 -17.68 -9.53 4.80
CA SER A 113 -16.50 -8.80 5.26
C SER A 113 -15.40 -9.01 4.24
N HIS A 114 -15.25 -10.25 3.82
CA HIS A 114 -14.18 -10.61 2.92
C HIS A 114 -14.40 -10.03 1.54
N MET A 115 -15.65 -10.00 1.12
CA MET A 115 -16.01 -9.32 -0.12
C MET A 115 -15.69 -7.83 -0.09
N LEU A 116 -16.04 -7.17 1.01
CA LEU A 116 -15.80 -5.74 1.13
C LEU A 116 -14.30 -5.47 1.14
N ALA A 117 -13.57 -6.22 1.95
CA ALA A 117 -12.11 -6.13 1.99
C ALA A 117 -11.53 -6.37 0.62
N GLU A 118 -12.09 -7.32 -0.12
CA GLU A 118 -11.57 -7.65 -1.44
C GLU A 118 -11.82 -6.50 -2.37
N LEU A 119 -13.06 -6.02 -2.37
CA LEU A 119 -13.49 -4.88 -3.16
C LEU A 119 -12.61 -3.64 -2.98
N LYS A 120 -12.32 -3.30 -1.74
CA LYS A 120 -11.55 -2.11 -1.43
C LYS A 120 -10.10 -2.25 -1.87
N GLY A 121 -9.62 -3.48 -1.92
CA GLY A 121 -8.24 -3.75 -2.29
C GLY A 121 -8.08 -3.71 -3.80
N ILE A 122 -9.20 -3.89 -4.50
CA ILE A 122 -9.21 -3.93 -5.95
C ILE A 122 -9.61 -2.59 -6.49
N PHE A 123 -10.54 -1.93 -5.81
CA PHE A 123 -10.96 -0.59 -6.20
C PHE A 123 -10.70 0.37 -5.06
N PRO A 124 -9.43 0.52 -4.67
CA PRO A 124 -9.13 1.40 -3.53
C PRO A 124 -9.43 2.85 -3.88
N SER A 125 -10.21 3.51 -3.03
CA SER A 125 -10.69 4.86 -3.29
C SER A 125 -11.64 4.92 -4.49
N GLY A 126 -12.04 3.76 -4.98
CA GLY A 126 -13.02 3.73 -6.05
C GLY A 126 -12.31 3.61 -7.36
N LEU A 127 -10.99 3.43 -7.24
CA LEU A 127 -10.09 3.47 -8.40
C LEU A 127 -9.59 2.06 -8.69
N PHE A 128 -9.85 1.58 -9.90
CA PHE A 128 -9.44 0.24 -10.24
C PHE A 128 -7.92 0.07 -10.27
N GLN A 129 -7.42 -0.84 -9.45
CA GLN A 129 -5.99 -1.11 -9.42
C GLN A 129 -5.69 -2.59 -9.41
N GLY A 130 -6.63 -3.39 -9.92
CA GLY A 130 -6.45 -4.83 -9.96
C GLY A 130 -5.23 -5.29 -10.74
N ASP A 131 -4.98 -4.63 -11.88
CA ASP A 131 -3.89 -5.05 -12.75
C ASP A 131 -2.50 -4.66 -12.23
N THR A 132 -2.45 -3.93 -11.12
CA THR A 132 -1.17 -3.62 -10.49
C THR A 132 -1.13 -4.02 -9.01
N PHE A 133 -2.05 -4.88 -8.60
CA PHE A 133 -2.07 -5.34 -7.22
C PHE A 133 -0.77 -6.01 -6.78
N ARG A 134 -0.29 -5.62 -5.61
CA ARG A 134 0.98 -6.08 -5.11
C ARG A 134 0.82 -7.22 -4.10
N ILE A 135 1.15 -8.43 -4.53
CA ILE A 135 1.18 -9.58 -3.64
C ILE A 135 2.34 -9.51 -2.67
N THR A 136 2.01 -9.67 -1.40
CA THR A 136 2.96 -9.45 -0.31
C THR A 136 4.14 -10.41 -0.34
N LYS A 137 3.92 -11.65 -0.77
CA LYS A 137 5.01 -12.61 -0.79
C LYS A 137 5.66 -12.68 -2.16
N ALA A 138 6.99 -12.64 -2.17
CA ALA A 138 7.77 -12.49 -3.40
C ALA A 138 7.57 -13.66 -4.30
N ASP A 139 7.67 -14.85 -3.72
CA ASP A 139 7.51 -16.09 -4.46
C ASP A 139 6.11 -16.25 -5.01
N ALA A 140 5.13 -16.06 -4.12
CA ALA A 140 3.74 -16.10 -4.51
C ALA A 140 3.54 -15.10 -5.61
N ALA A 141 4.03 -13.90 -5.38
CA ALA A 141 3.87 -12.82 -6.33
C ALA A 141 4.43 -13.24 -7.67
N GLU A 142 5.58 -13.89 -7.64
CA GLU A 142 6.23 -14.40 -8.85
C GLU A 142 5.32 -15.39 -9.56
N PHE A 143 4.67 -16.23 -8.78
CA PHE A 143 3.76 -17.25 -9.28
C PHE A 143 2.63 -16.65 -10.08
N TRP A 144 1.85 -15.79 -9.44
CA TRP A 144 0.72 -15.18 -10.10
C TRP A 144 1.14 -14.57 -11.42
N ARG A 145 2.12 -13.66 -11.38
CA ARG A 145 2.63 -12.98 -12.57
C ARG A 145 2.92 -13.97 -13.67
N LYS A 146 3.68 -14.99 -13.30
CA LYS A 146 4.16 -16.00 -14.24
C LYS A 146 3.01 -16.75 -14.90
N ALA A 147 1.98 -17.07 -14.12
CA ALA A 147 0.85 -17.86 -14.64
C ALA A 147 -0.26 -17.01 -15.28
N PHE A 148 -0.61 -15.90 -14.64
CA PHE A 148 -1.78 -15.15 -15.05
C PHE A 148 -1.49 -13.69 -15.44
N GLY A 149 -0.25 -13.26 -15.21
CA GLY A 149 0.16 -11.92 -15.61
C GLY A 149 -0.53 -10.83 -14.80
N GLU A 150 -1.30 -9.98 -15.45
CA GLU A 150 -1.97 -8.91 -14.73
C GLU A 150 -3.44 -9.18 -14.51
N LYS A 151 -3.84 -10.45 -14.61
CA LYS A 151 -5.22 -10.82 -14.33
C LYS A 151 -5.56 -10.59 -12.86
N THR A 152 -6.76 -10.07 -12.61
CA THR A 152 -7.21 -9.74 -11.28
C THR A 152 -7.94 -10.91 -10.64
N ILE A 153 -8.66 -11.65 -11.47
CA ILE A 153 -9.43 -12.81 -11.02
C ILE A 153 -9.32 -13.93 -12.04
N VAL A 154 -9.21 -15.17 -11.57
CA VAL A 154 -9.19 -16.34 -12.46
C VAL A 154 -10.20 -17.40 -11.99
N PRO A 155 -10.89 -18.05 -12.94
CA PRO A 155 -11.83 -19.11 -12.60
C PRO A 155 -11.12 -20.20 -11.81
N TRP A 156 -11.79 -20.72 -10.80
CA TRP A 156 -11.17 -21.75 -9.97
C TRP A 156 -10.46 -22.82 -10.80
N LYS A 157 -11.07 -23.22 -11.92
CA LYS A 157 -10.46 -24.27 -12.73
C LYS A 157 -9.05 -23.89 -13.12
N SER A 158 -8.93 -22.72 -13.75
CA SER A 158 -7.65 -22.19 -14.16
C SER A 158 -6.69 -22.10 -12.97
N PHE A 159 -7.16 -21.51 -11.88
CA PHE A 159 -6.28 -21.40 -10.73
C PHE A 159 -5.74 -22.77 -10.31
N ARG A 160 -6.62 -23.76 -10.25
CA ARG A 160 -6.22 -25.07 -9.76
C ARG A 160 -5.10 -25.66 -10.58
N GLN A 161 -5.21 -25.51 -11.90
CA GLN A 161 -4.27 -26.18 -12.78
C GLN A 161 -2.88 -25.60 -12.61
N ALA A 162 -2.79 -24.28 -12.71
CA ALA A 162 -1.52 -23.61 -12.54
C ALA A 162 -0.85 -23.99 -11.22
N LEU A 163 -1.56 -23.84 -10.10
CA LEU A 163 -0.96 -24.12 -8.80
C LEU A 163 -0.40 -25.54 -8.69
N HIS A 164 -1.17 -26.50 -9.19
CA HIS A 164 -0.84 -27.91 -9.09
C HIS A 164 0.52 -28.24 -9.69
N GLU A 165 0.90 -27.49 -10.71
CA GLU A 165 2.17 -27.68 -11.39
C GLU A 165 3.39 -27.25 -10.54
N VAL A 166 3.15 -26.43 -9.53
CA VAL A 166 4.21 -26.02 -8.62
C VAL A 166 3.99 -26.78 -7.33
N HIS A 167 2.75 -26.72 -6.84
CA HIS A 167 2.33 -27.45 -5.64
C HIS A 167 1.22 -28.40 -6.02
N PRO A 168 1.60 -29.65 -6.30
CA PRO A 168 0.65 -30.72 -6.62
C PRO A 168 -0.45 -30.87 -5.57
N ILE A 169 -1.66 -31.06 -6.10
CA ILE A 169 -2.82 -31.37 -5.30
C ILE A 169 -3.15 -32.80 -5.66
N SER A 170 -3.20 -33.68 -4.66
CA SER A 170 -3.20 -35.12 -4.90
C SER A 170 -4.58 -35.76 -5.13
N SER A 171 -5.64 -35.05 -4.79
CA SER A 171 -6.97 -35.63 -4.93
C SER A 171 -7.97 -34.52 -5.20
N GLY A 172 -9.13 -34.89 -5.73
CA GLY A 172 -10.17 -33.92 -6.01
C GLY A 172 -10.78 -33.44 -4.73
N LEU A 173 -10.61 -34.23 -3.68
CA LEU A 173 -11.09 -33.91 -2.34
C LEU A 173 -10.13 -32.91 -1.72
N GLU A 174 -8.83 -33.14 -1.87
CA GLU A 174 -7.88 -32.15 -1.42
C GLU A 174 -8.15 -30.84 -2.16
N ALA A 175 -8.29 -30.92 -3.48
CA ALA A 175 -8.58 -29.73 -4.28
C ALA A 175 -9.78 -28.91 -3.79
N MET A 176 -10.81 -29.57 -3.26
CA MET A 176 -12.04 -28.89 -2.85
C MET A 176 -11.97 -28.31 -1.45
N ALA A 177 -11.24 -29.01 -0.58
CA ALA A 177 -10.96 -28.50 0.75
C ALA A 177 -10.21 -27.19 0.57
N LEU A 178 -9.19 -27.24 -0.28
CA LEU A 178 -8.39 -26.06 -0.62
C LEU A 178 -9.25 -24.91 -1.12
N LYS A 179 -10.04 -25.21 -2.14
CA LYS A 179 -10.93 -24.23 -2.75
C LYS A 179 -11.77 -23.52 -1.70
N SER A 180 -12.29 -24.28 -0.74
CA SER A 180 -13.13 -23.70 0.30
C SER A 180 -12.29 -22.86 1.25
N THR A 181 -10.98 -23.11 1.24
CA THR A 181 -10.09 -22.36 2.10
C THR A 181 -9.76 -20.99 1.49
N ILE A 182 -9.25 -20.99 0.27
CA ILE A 182 -8.83 -19.78 -0.41
C ILE A 182 -9.99 -18.97 -1.04
N ASP A 183 -11.03 -19.65 -1.50
CA ASP A 183 -12.19 -18.97 -2.09
C ASP A 183 -13.05 -18.23 -1.08
N LEU A 184 -12.53 -17.11 -0.58
CA LEU A 184 -13.20 -16.32 0.46
C LEU A 184 -14.61 -15.85 0.08
N THR A 185 -14.77 -15.36 -1.14
CA THR A 185 -16.04 -14.79 -1.52
C THR A 185 -16.99 -15.87 -2.00
N CYS A 186 -16.49 -17.10 -2.01
CA CYS A 186 -17.33 -18.23 -2.36
C CYS A 186 -18.02 -18.00 -3.69
N ASN A 187 -17.25 -17.90 -4.77
CA ASN A 187 -17.87 -17.67 -6.08
C ASN A 187 -17.22 -18.37 -7.27
N ASP A 188 -16.33 -19.32 -6.98
CA ASP A 188 -15.67 -20.12 -8.01
C ASP A 188 -14.59 -19.37 -8.78
N TYR A 189 -14.24 -18.18 -8.29
CA TYR A 189 -13.11 -17.44 -8.82
C TYR A 189 -12.07 -17.24 -7.75
N ILE A 190 -10.82 -17.09 -8.15
CA ILE A 190 -9.79 -16.75 -7.18
C ILE A 190 -9.21 -15.43 -7.63
N SER A 191 -9.34 -14.42 -6.77
CA SER A 191 -8.78 -13.14 -7.11
C SER A 191 -7.34 -13.07 -6.59
N VAL A 192 -6.57 -12.14 -7.16
CA VAL A 192 -5.22 -11.87 -6.70
C VAL A 192 -5.20 -11.46 -5.23
N PHE A 193 -6.29 -10.84 -4.78
CA PHE A 193 -6.46 -10.49 -3.40
C PHE A 193 -6.56 -11.74 -2.55
N GLU A 194 -7.46 -12.64 -2.96
CA GLU A 194 -7.67 -13.90 -2.25
C GLU A 194 -6.39 -14.70 -2.20
N PHE A 195 -5.68 -14.72 -3.33
CA PHE A 195 -4.37 -15.36 -3.42
C PHE A 195 -3.39 -14.75 -2.41
N ASP A 196 -3.35 -13.42 -2.37
CA ASP A 196 -2.45 -12.72 -1.48
C ASP A 196 -2.67 -13.19 -0.06
N ILE A 197 -3.93 -13.27 0.32
CA ILE A 197 -4.30 -13.61 1.70
C ILE A 197 -3.89 -15.02 2.05
N PHE A 198 -4.18 -15.96 1.15
CA PHE A 198 -3.86 -17.35 1.38
C PHE A 198 -2.36 -17.59 1.60
N THR A 199 -1.55 -17.02 0.72
CA THR A 199 -0.10 -17.21 0.79
C THR A 199 0.54 -16.49 1.97
N ARG A 200 -0.13 -15.48 2.50
CA ARG A 200 0.33 -14.84 3.73
C ARG A 200 0.05 -15.76 4.89
N LEU A 201 -1.16 -16.30 4.89
CA LEU A 201 -1.60 -17.15 5.99
C LEU A 201 -0.77 -18.42 6.06
N PHE A 202 -0.43 -18.97 4.90
CA PHE A 202 0.18 -20.30 4.84
C PHE A 202 1.62 -20.25 4.32
N GLN A 203 2.31 -19.16 4.64
CA GLN A 203 3.71 -19.00 4.33
C GLN A 203 4.53 -20.01 5.10
N PRO A 204 5.73 -20.37 4.58
CA PRO A 204 6.25 -19.83 3.32
C PRO A 204 5.81 -20.64 2.12
N TRP A 205 6.00 -20.06 0.96
CA TRP A 205 5.50 -20.57 -0.27
C TRP A 205 6.05 -21.97 -0.55
N SER A 206 7.32 -22.13 -0.21
CA SER A 206 8.07 -23.31 -0.59
C SER A 206 7.32 -24.53 -0.09
N SER A 207 6.78 -24.43 1.11
CA SER A 207 6.04 -25.55 1.67
C SER A 207 4.52 -25.30 1.72
N LEU A 208 4.00 -24.49 0.77
CA LEU A 208 2.69 -23.90 0.96
C LEU A 208 1.57 -24.84 1.34
N LEU A 209 1.38 -25.88 0.52
CA LEU A 209 0.22 -26.75 0.73
C LEU A 209 0.50 -27.70 1.87
N ARG A 210 1.79 -27.97 2.17
CA ARG A 210 2.08 -28.73 3.37
C ARG A 210 1.67 -27.92 4.60
N ASN A 211 2.09 -26.67 4.64
CA ASN A 211 1.71 -25.76 5.72
C ASN A 211 0.20 -25.77 5.88
N TRP A 212 -0.52 -25.76 4.76
CA TRP A 212 -1.98 -25.70 4.78
C TRP A 212 -2.63 -26.96 5.36
N ASN A 213 -2.06 -28.12 5.04
CA ASN A 213 -2.61 -29.38 5.52
C ASN A 213 -2.38 -29.52 7.01
N SER A 214 -1.22 -29.07 7.44
CA SER A 214 -0.80 -29.28 8.83
C SER A 214 -1.50 -28.31 9.75
N LEU A 215 -1.70 -27.09 9.25
CA LEU A 215 -2.21 -26.00 10.07
C LEU A 215 -3.72 -25.85 9.96
N ALA A 216 -4.27 -26.14 8.78
CA ALA A 216 -5.69 -25.99 8.56
C ALA A 216 -6.39 -27.33 8.50
N VAL A 217 -6.02 -28.15 7.52
CA VAL A 217 -6.77 -29.38 7.27
C VAL A 217 -6.75 -30.35 8.45
N THR A 218 -5.58 -30.60 9.01
CA THR A 218 -5.47 -31.61 10.03
C THR A 218 -5.16 -31.08 11.42
N HIS A 219 -5.28 -29.78 11.63
CA HIS A 219 -5.08 -29.28 12.98
C HIS A 219 -6.42 -29.09 13.68
N PRO A 220 -6.61 -29.81 14.79
CA PRO A 220 -7.83 -29.83 15.59
C PRO A 220 -8.16 -28.46 16.15
N GLY A 221 -7.13 -27.61 16.30
CA GLY A 221 -7.29 -26.30 16.89
C GLY A 221 -7.84 -25.27 15.94
N TYR A 222 -7.74 -25.57 14.64
CA TYR A 222 -8.16 -24.65 13.61
C TYR A 222 -9.68 -24.58 13.41
N MET A 223 -10.22 -23.36 13.35
CA MET A 223 -11.64 -23.14 13.14
C MET A 223 -11.97 -22.39 11.83
N ALA A 224 -12.73 -23.04 10.95
CA ALA A 224 -13.18 -22.42 9.70
C ALA A 224 -14.33 -21.47 9.95
N PHE A 225 -14.34 -20.33 9.28
CA PHE A 225 -15.48 -19.43 9.37
C PHE A 225 -15.88 -19.03 10.77
N LEU A 226 -14.92 -18.75 11.64
CA LEU A 226 -15.25 -18.43 13.02
C LEU A 226 -14.83 -16.99 13.39
N THR A 227 -15.64 -16.35 14.24
CA THR A 227 -15.42 -14.97 14.68
C THR A 227 -14.78 -14.79 16.07
N TYR A 228 -14.34 -13.58 16.34
CA TYR A 228 -13.90 -13.19 17.66
C TYR A 228 -14.91 -13.61 18.72
N ASP A 229 -16.15 -13.17 18.58
CA ASP A 229 -17.15 -13.50 19.58
C ASP A 229 -17.25 -15.03 19.75
N GLU A 230 -17.31 -15.73 18.62
CA GLU A 230 -17.56 -17.17 18.66
C GLU A 230 -16.43 -17.88 19.34
N VAL A 231 -15.21 -17.41 19.12
CA VAL A 231 -14.06 -17.97 19.81
C VAL A 231 -14.32 -17.93 21.32
N LYS A 232 -14.74 -16.78 21.84
CA LYS A 232 -14.98 -16.68 23.27
C LYS A 232 -15.95 -17.75 23.74
N ALA A 233 -17.06 -17.89 23.02
CA ALA A 233 -18.07 -18.85 23.40
C ALA A 233 -17.54 -20.28 23.40
N ARG A 234 -16.90 -20.68 22.31
CA ARG A 234 -16.42 -22.05 22.21
C ARG A 234 -15.46 -22.39 23.34
N LEU A 235 -14.66 -21.43 23.76
CA LEU A 235 -13.64 -21.66 24.79
C LEU A 235 -14.21 -21.65 26.20
N GLN A 236 -15.45 -21.18 26.33
CA GLN A 236 -16.05 -21.04 27.66
C GLN A 236 -16.06 -22.37 28.41
N LYS A 237 -16.14 -23.47 27.65
CA LYS A 237 -16.21 -24.79 28.25
C LYS A 237 -14.87 -25.29 28.82
N PHE A 238 -13.78 -24.63 28.44
CA PHE A 238 -12.45 -25.02 28.88
C PHE A 238 -11.85 -23.96 29.78
N ILE A 239 -12.73 -23.16 30.35
CA ILE A 239 -12.35 -22.07 31.22
C ILE A 239 -11.55 -22.61 32.39
N HIS A 240 -11.81 -23.88 32.73
CA HIS A 240 -11.17 -24.52 33.85
C HIS A 240 -10.01 -25.40 33.40
N LYS A 241 -9.76 -25.40 32.10
CA LYS A 241 -8.66 -26.16 31.54
C LYS A 241 -7.70 -25.24 30.81
N PRO A 242 -6.89 -24.49 31.59
CA PRO A 242 -5.91 -23.59 31.01
C PRO A 242 -5.05 -24.28 29.95
N GLY A 243 -4.51 -23.51 29.02
CA GLY A 243 -3.77 -24.08 27.89
C GLY A 243 -4.67 -24.51 26.73
N SER A 244 -5.98 -24.48 26.96
CA SER A 244 -6.91 -24.82 25.90
C SER A 244 -6.98 -23.66 24.91
N TYR A 245 -6.87 -23.99 23.64
CA TYR A 245 -6.76 -22.96 22.62
C TYR A 245 -7.33 -23.39 21.27
N ILE A 246 -7.72 -22.38 20.49
CA ILE A 246 -8.05 -22.58 19.09
C ILE A 246 -7.54 -21.37 18.31
N PHE A 247 -7.55 -21.45 16.99
CA PHE A 247 -7.12 -20.34 16.17
C PHE A 247 -7.89 -20.29 14.86
N ARG A 248 -7.78 -19.15 14.18
CA ARG A 248 -8.57 -18.89 12.99
C ARG A 248 -8.06 -17.64 12.27
N LEU A 249 -8.55 -17.39 11.06
CA LEU A 249 -8.21 -16.16 10.36
C LEU A 249 -8.66 -14.96 11.15
N SER A 250 -7.81 -13.94 11.25
CA SER A 250 -8.24 -12.66 11.76
C SER A 250 -9.24 -12.07 10.79
N CYS A 251 -10.26 -11.40 11.33
CA CYS A 251 -11.23 -10.72 10.49
C CYS A 251 -10.82 -9.31 10.15
N THR A 252 -10.36 -8.57 11.15
CA THR A 252 -10.04 -7.18 10.96
C THR A 252 -8.61 -6.98 10.46
N ARG A 253 -7.83 -8.07 10.46
CA ARG A 253 -6.51 -8.03 9.89
C ARG A 253 -6.35 -9.19 8.91
N LEU A 254 -7.03 -9.09 7.76
CA LEU A 254 -7.10 -10.20 6.83
C LEU A 254 -5.73 -10.57 6.28
N GLY A 255 -5.31 -11.81 6.50
CA GLY A 255 -4.01 -12.28 6.05
C GLY A 255 -3.22 -12.71 7.27
N GLN A 256 -3.78 -12.42 8.43
CA GLN A 256 -3.13 -12.78 9.68
C GLN A 256 -4.00 -13.73 10.47
N TRP A 257 -3.37 -14.37 11.45
CA TRP A 257 -4.05 -15.33 12.27
C TRP A 257 -4.40 -14.75 13.61
N ALA A 258 -5.46 -15.28 14.21
CA ALA A 258 -5.82 -14.92 15.56
C ALA A 258 -5.83 -16.19 16.40
N ILE A 259 -5.18 -16.15 17.54
CA ILE A 259 -5.14 -17.29 18.43
C ILE A 259 -5.92 -16.96 19.69
N GLY A 260 -6.87 -17.83 20.04
CA GLY A 260 -7.60 -17.72 21.29
C GLY A 260 -7.08 -18.74 22.29
N TYR A 261 -7.03 -18.36 23.56
CA TYR A 261 -6.50 -19.26 24.60
C TYR A 261 -7.04 -18.96 25.99
N VAL A 262 -7.09 -20.00 26.81
CA VAL A 262 -7.51 -19.92 28.21
C VAL A 262 -6.28 -19.74 29.07
N THR A 263 -6.22 -18.63 29.81
CA THR A 263 -5.09 -18.32 30.66
C THR A 263 -5.11 -19.14 31.95
N ALA A 264 -4.02 -19.06 32.72
CA ALA A 264 -3.88 -19.83 33.95
C ALA A 264 -4.90 -19.41 35.00
N ASP A 265 -5.24 -18.13 34.98
CA ASP A 265 -6.27 -17.58 35.86
C ASP A 265 -7.61 -17.96 35.27
N GLY A 266 -7.55 -18.58 34.10
CA GLY A 266 -8.72 -19.11 33.45
C GLY A 266 -9.38 -18.10 32.55
N ASN A 267 -8.74 -16.95 32.35
CA ASN A 267 -9.28 -15.93 31.47
C ASN A 267 -9.14 -16.32 30.00
N ILE A 268 -10.07 -15.89 29.15
CA ILE A 268 -9.92 -16.14 27.72
C ILE A 268 -9.42 -14.90 27.02
N LEU A 269 -8.31 -15.04 26.30
CA LEU A 269 -7.71 -13.92 25.58
C LEU A 269 -7.50 -14.29 24.12
N GLN A 270 -7.35 -13.28 23.28
CA GLN A 270 -7.01 -13.51 21.89
C GLN A 270 -5.88 -12.61 21.45
N THR A 271 -5.05 -13.11 20.55
CA THR A 271 -3.84 -12.44 20.19
C THR A 271 -3.52 -12.71 18.72
N ILE A 272 -2.90 -11.72 18.08
CA ILE A 272 -2.43 -11.87 16.72
C ILE A 272 -0.90 -11.96 16.75
N PRO A 273 -0.36 -13.13 16.36
CA PRO A 273 1.10 -13.29 16.28
C PRO A 273 1.65 -12.43 15.15
N HIS A 274 2.77 -11.76 15.39
CA HIS A 274 3.39 -10.90 14.40
C HIS A 274 4.84 -11.33 14.13
N ASN A 275 5.26 -11.23 12.87
CA ASN A 275 6.68 -11.41 12.48
C ASN A 275 7.17 -12.86 12.43
N LYS A 276 6.32 -13.77 12.90
CA LYS A 276 6.59 -15.21 12.86
C LYS A 276 5.50 -15.89 12.04
N PRO A 277 5.80 -17.07 11.46
CA PRO A 277 4.68 -17.81 10.89
C PRO A 277 3.85 -18.47 12.00
N LEU A 278 2.67 -18.97 11.65
CA LEU A 278 1.79 -19.56 12.63
C LEU A 278 2.53 -20.65 13.41
N PHE A 279 3.04 -21.65 12.72
CA PHE A 279 3.60 -22.82 13.40
C PHE A 279 4.67 -22.52 14.45
N GLN A 280 5.47 -21.50 14.25
CA GLN A 280 6.49 -21.18 15.22
C GLN A 280 5.83 -20.65 16.49
N ALA A 281 4.88 -19.74 16.32
CA ALA A 281 4.15 -19.20 17.45
C ALA A 281 3.40 -20.32 18.18
N LEU A 282 2.92 -21.29 17.42
CA LEU A 282 2.19 -22.42 18.00
C LEU A 282 3.14 -23.32 18.77
N ILE A 283 4.32 -23.50 18.19
CA ILE A 283 5.37 -24.27 18.84
C ILE A 283 5.85 -23.58 20.12
N ASP A 284 6.39 -22.37 19.99
CA ASP A 284 6.83 -21.62 21.15
C ASP A 284 5.73 -21.64 22.19
N GLY A 285 4.50 -21.44 21.73
CA GLY A 285 3.35 -21.35 22.61
C GLY A 285 3.11 -22.62 23.40
N PHE A 286 3.38 -23.75 22.76
CA PHE A 286 3.29 -25.04 23.44
C PHE A 286 4.48 -25.22 24.39
N ARG A 287 5.68 -24.97 23.88
CA ARG A 287 6.92 -25.00 24.69
C ARG A 287 6.70 -24.24 25.98
N GLU A 288 6.37 -22.96 25.83
CA GLU A 288 6.25 -22.06 26.95
C GLU A 288 4.91 -22.26 27.67
N GLY A 289 4.15 -23.25 27.23
CA GLY A 289 3.03 -23.76 27.99
C GLY A 289 1.71 -22.99 27.95
N PHE A 290 1.42 -22.37 26.80
CA PHE A 290 0.18 -21.58 26.64
C PHE A 290 -0.82 -22.23 25.70
N TYR A 291 -0.29 -22.85 24.64
CA TYR A 291 -1.12 -23.46 23.60
C TYR A 291 -0.96 -24.99 23.66
N LEU A 292 -1.66 -25.61 24.60
CA LEU A 292 -1.48 -27.02 24.88
C LEU A 292 -2.62 -27.89 24.35
N PHE A 293 -3.87 -27.49 24.61
CA PHE A 293 -5.00 -28.34 24.28
C PHE A 293 -5.86 -27.78 23.15
N PRO A 294 -5.62 -28.24 21.91
CA PRO A 294 -6.39 -27.71 20.79
C PRO A 294 -7.86 -28.01 21.03
N ASP A 295 -8.68 -26.96 21.04
CA ASP A 295 -10.08 -27.17 21.26
C ASP A 295 -10.27 -28.07 22.47
N GLY A 296 -9.37 -27.95 23.45
CA GLY A 296 -9.50 -28.64 24.73
C GLY A 296 -9.06 -30.09 24.76
N ARG A 297 -8.49 -30.56 23.67
CA ARG A 297 -8.05 -31.94 23.56
C ARG A 297 -6.74 -32.16 24.29
N ASN A 298 -6.59 -33.33 24.89
CA ASN A 298 -5.39 -33.62 25.63
C ASN A 298 -4.17 -33.82 24.71
N GLN A 299 -4.41 -34.15 23.45
CA GLN A 299 -3.31 -34.36 22.50
C GLN A 299 -3.07 -33.20 21.55
N ASN A 300 -1.86 -32.63 21.61
CA ASN A 300 -1.48 -31.50 20.77
C ASN A 300 -0.63 -31.98 19.60
N PRO A 301 -0.99 -31.58 18.38
CA PRO A 301 -0.19 -31.93 17.21
C PRO A 301 1.23 -31.42 17.30
N ASP A 302 2.14 -32.23 16.78
CA ASP A 302 3.52 -31.86 16.64
C ASP A 302 3.74 -31.25 15.26
N LEU A 303 3.92 -29.94 15.25
CA LEU A 303 4.11 -29.18 14.03
C LEU A 303 5.58 -29.05 13.69
N THR A 304 6.42 -29.38 14.65
CA THR A 304 7.85 -29.23 14.44
C THR A 304 8.14 -29.93 13.12
N GLY A 305 9.01 -29.35 12.30
CA GLY A 305 9.28 -29.95 11.01
C GLY A 305 8.49 -29.34 9.88
N LEU A 306 7.61 -28.40 10.21
CA LEU A 306 7.18 -27.43 9.22
C LEU A 306 8.39 -26.53 9.09
N CYS A 307 9.30 -26.71 10.05
CA CYS A 307 10.59 -26.04 10.07
C CYS A 307 11.32 -26.15 8.72
N GLU A 308 11.17 -27.29 8.04
CA GLU A 308 11.83 -27.46 6.75
C GLU A 308 10.89 -27.22 5.57
N LYS A 316 1.17 -37.50 5.35
CA LYS A 316 0.15 -37.91 4.38
C LYS A 316 -1.26 -37.72 4.96
N VAL A 317 -2.14 -37.07 4.19
CA VAL A 317 -3.46 -36.77 4.71
C VAL A 317 -4.53 -37.64 4.04
N THR A 318 -5.31 -38.33 4.86
CA THR A 318 -6.36 -39.24 4.40
C THR A 318 -7.57 -38.51 3.82
N GLN A 319 -8.32 -39.20 2.95
CA GLN A 319 -9.52 -38.59 2.39
C GLN A 319 -10.54 -38.36 3.48
N GLU A 320 -10.58 -39.23 4.48
CA GLU A 320 -11.54 -39.08 5.56
C GLU A 320 -11.33 -37.73 6.25
N GLN A 321 -10.05 -37.38 6.41
CA GLN A 321 -9.66 -36.09 6.96
C GLN A 321 -10.19 -34.93 6.11
N TYR A 322 -9.98 -34.99 4.81
CA TYR A 322 -10.49 -33.94 3.93
C TYR A 322 -11.99 -33.79 4.04
N GLU A 323 -12.72 -34.91 4.06
CA GLU A 323 -14.17 -34.85 4.16
C GLU A 323 -14.63 -34.13 5.42
N LEU A 324 -14.14 -34.59 6.55
CA LEU A 324 -14.32 -33.96 7.85
C LEU A 324 -14.14 -32.44 7.80
N TYR A 325 -13.02 -32.02 7.22
CA TYR A 325 -12.66 -30.61 7.14
C TYR A 325 -13.81 -29.82 6.52
N CYS A 326 -14.34 -30.35 5.43
CA CYS A 326 -15.38 -29.66 4.67
C CYS A 326 -16.70 -29.63 5.41
N GLU A 327 -17.00 -30.71 6.12
CA GLU A 327 -18.32 -30.84 6.72
C GLU A 327 -18.35 -30.16 8.08
N MET A 328 -17.19 -30.12 8.74
CA MET A 328 -17.03 -29.35 9.97
C MET A 328 -17.26 -27.84 9.83
N GLY A 329 -17.45 -27.36 8.61
CA GLY A 329 -17.79 -25.98 8.41
C GLY A 329 -16.83 -25.21 7.53
N SER A 330 -15.88 -25.91 6.93
CA SER A 330 -14.97 -25.27 6.00
C SER A 330 -15.71 -24.81 4.73
N THR A 331 -16.76 -25.55 4.37
CA THR A 331 -17.55 -25.23 3.17
C THR A 331 -18.79 -24.42 3.50
N PHE A 332 -19.22 -23.60 2.55
CA PHE A 332 -20.42 -22.83 2.78
C PHE A 332 -21.60 -23.16 1.83
N GLN A 333 -22.63 -23.79 2.38
CA GLN A 333 -23.81 -24.16 1.60
C GLN A 333 -23.48 -25.07 0.41
N LEU A 334 -22.40 -25.85 0.50
CA LEU A 334 -22.05 -26.74 -0.61
C LEU A 334 -22.54 -28.17 -0.37
N CYS A 335 -22.85 -28.84 -1.47
CA CYS A 335 -23.23 -30.26 -1.47
C CYS A 335 -22.17 -31.10 -0.79
N LYS A 336 -22.60 -31.93 0.17
CA LYS A 336 -21.68 -32.76 0.94
C LYS A 336 -21.09 -33.91 0.15
N ILE A 337 -21.58 -34.12 -1.05
CA ILE A 337 -21.08 -35.19 -1.89
C ILE A 337 -19.86 -34.73 -2.69
N CYS A 338 -20.04 -33.71 -3.51
CA CYS A 338 -18.95 -33.17 -4.29
C CYS A 338 -18.08 -32.18 -3.50
N ALA A 339 -18.70 -31.52 -2.50
CA ALA A 339 -18.04 -30.42 -1.79
C ALA A 339 -17.71 -29.29 -2.78
N GLU A 340 -18.51 -29.15 -3.83
CA GLU A 340 -18.11 -28.26 -4.88
C GLU A 340 -19.25 -27.35 -5.31
N ASN A 341 -20.43 -27.94 -5.46
CA ASN A 341 -21.60 -27.21 -5.95
C ASN A 341 -22.57 -26.91 -4.80
N ASP A 342 -23.34 -25.84 -4.97
CA ASP A 342 -24.35 -25.42 -3.98
C ASP A 342 -25.39 -26.52 -3.79
N LYS A 343 -25.77 -26.81 -2.54
CA LYS A 343 -26.95 -27.62 -2.26
C LYS A 343 -28.16 -26.94 -2.88
N ASP A 344 -28.77 -27.54 -3.89
CA ASP A 344 -29.89 -26.87 -4.53
C ASP A 344 -31.12 -27.76 -4.66
N VAL A 345 -31.02 -28.98 -4.13
CA VAL A 345 -32.14 -29.93 -4.23
C VAL A 345 -32.39 -30.69 -2.92
N LYS A 346 -33.67 -31.02 -2.69
CA LYS A 346 -34.07 -31.78 -1.51
C LYS A 346 -34.86 -33.01 -1.93
N ILE A 347 -34.44 -34.17 -1.42
CA ILE A 347 -35.09 -35.45 -1.72
C ILE A 347 -36.29 -35.73 -0.82
N GLU A 348 -37.34 -36.28 -1.43
CA GLU A 348 -38.56 -36.66 -0.76
C GLU A 348 -38.66 -38.19 -0.81
N PRO A 349 -38.99 -38.85 0.32
CA PRO A 349 -39.39 -38.29 1.61
C PRO A 349 -38.27 -38.08 2.62
N CYS A 350 -37.07 -38.64 2.41
CA CYS A 350 -36.04 -38.62 3.47
C CYS A 350 -35.57 -37.23 3.90
N GLY A 351 -35.59 -36.27 2.97
CA GLY A 351 -35.24 -34.89 3.29
C GLY A 351 -33.81 -34.47 2.99
N HIS A 352 -32.99 -35.41 2.54
CA HIS A 352 -31.58 -35.14 2.30
C HIS A 352 -31.33 -34.16 1.15
N LEU A 353 -30.31 -33.34 1.30
CA LEU A 353 -30.00 -32.27 0.34
C LEU A 353 -28.67 -32.45 -0.32
N MET A 354 -28.55 -31.90 -1.52
CA MET A 354 -27.36 -32.07 -2.32
C MET A 354 -27.51 -31.18 -3.53
N CYS A 355 -26.60 -31.30 -4.51
CA CYS A 355 -26.70 -30.53 -5.74
C CYS A 355 -27.29 -31.39 -6.84
N THR A 356 -27.90 -30.74 -7.83
CA THR A 356 -28.61 -31.48 -8.87
C THR A 356 -27.66 -32.27 -9.75
N SER A 357 -26.43 -31.77 -9.93
CA SER A 357 -25.49 -32.48 -10.77
C SER A 357 -25.14 -33.79 -10.07
N CYS A 358 -24.86 -33.75 -8.77
CA CYS A 358 -24.62 -34.99 -8.05
C CYS A 358 -25.86 -35.87 -8.03
N LEU A 359 -27.01 -35.27 -7.82
CA LEU A 359 -28.24 -36.05 -7.87
C LEU A 359 -28.41 -36.75 -9.21
N THR A 360 -28.40 -35.99 -10.31
CA THR A 360 -28.76 -36.62 -11.58
C THR A 360 -27.74 -37.67 -11.96
N SER A 361 -26.49 -37.48 -11.55
CA SER A 361 -25.46 -38.44 -11.93
C SER A 361 -25.44 -39.66 -11.00
N TRP A 362 -26.25 -39.62 -9.95
CA TRP A 362 -26.39 -40.74 -9.05
C TRP A 362 -27.44 -41.66 -9.64
N GLN A 363 -28.60 -41.07 -9.93
CA GLN A 363 -29.76 -41.76 -10.48
C GLN A 363 -29.46 -42.52 -11.77
N GLU A 364 -28.57 -41.94 -12.60
CA GLU A 364 -28.17 -42.59 -13.82
C GLU A 364 -27.23 -43.74 -13.46
N SER A 365 -26.25 -43.43 -12.62
CA SER A 365 -25.17 -44.36 -12.36
C SER A 365 -25.41 -45.33 -11.20
N GLU A 366 -26.29 -44.96 -10.26
CA GLU A 366 -26.47 -45.74 -9.04
C GLU A 366 -27.91 -46.18 -8.79
N GLY A 367 -28.87 -45.47 -9.35
CA GLY A 367 -30.27 -45.82 -9.16
C GLY A 367 -31.07 -44.80 -8.39
N GLN A 368 -32.23 -45.22 -7.89
CA GLN A 368 -33.16 -44.29 -7.24
C GLN A 368 -33.03 -44.22 -5.72
N GLY A 369 -32.07 -44.93 -5.16
CA GLY A 369 -31.86 -44.84 -3.73
C GLY A 369 -31.13 -43.55 -3.36
N CYS A 370 -31.58 -42.87 -2.30
CA CYS A 370 -30.84 -41.73 -1.78
C CYS A 370 -29.39 -42.10 -1.47
N PRO A 371 -28.43 -41.29 -1.94
CA PRO A 371 -27.01 -41.59 -1.73
C PRO A 371 -26.66 -41.71 -0.24
N PHE A 372 -27.36 -40.97 0.61
CA PHE A 372 -27.04 -40.94 2.03
C PHE A 372 -27.66 -42.07 2.81
N CYS A 373 -28.96 -42.26 2.65
CA CYS A 373 -29.68 -43.21 3.49
C CYS A 373 -30.31 -44.37 2.72
N ARG A 374 -30.17 -44.37 1.39
CA ARG A 374 -30.60 -45.50 0.54
C ARG A 374 -32.11 -45.56 0.29
N CYS A 375 -32.85 -44.66 0.92
CA CYS A 375 -34.30 -44.62 0.76
C CYS A 375 -34.72 -44.17 -0.61
N GLU A 376 -35.80 -44.76 -1.10
CA GLU A 376 -36.28 -44.50 -2.44
C GLU A 376 -36.55 -43.02 -2.67
N ILE A 377 -36.05 -42.53 -3.79
CA ILE A 377 -36.24 -41.15 -4.13
C ILE A 377 -37.60 -41.03 -4.75
N LYS A 378 -38.56 -40.55 -3.96
CA LYS A 378 -39.93 -40.50 -4.41
C LYS A 378 -40.24 -39.19 -5.15
N GLY A 379 -39.44 -38.16 -4.88
CA GLY A 379 -39.60 -36.86 -5.52
C GLY A 379 -38.52 -35.86 -5.13
N THR A 380 -38.57 -34.68 -5.72
CA THR A 380 -37.59 -33.66 -5.39
C THR A 380 -38.23 -32.29 -5.28
N GLU A 381 -37.53 -31.39 -4.62
CA GLU A 381 -37.94 -29.99 -4.61
C GLU A 381 -36.70 -29.13 -4.54
N PRO A 382 -36.66 -28.09 -5.39
CA PRO A 382 -35.53 -27.16 -5.41
C PRO A 382 -35.43 -26.43 -4.06
N ILE A 383 -34.24 -26.03 -3.68
CA ILE A 383 -34.06 -25.15 -2.51
C ILE A 383 -32.99 -24.12 -2.80
N VAL A 384 -32.95 -23.08 -1.97
CA VAL A 384 -32.01 -21.98 -2.22
C VAL A 384 -30.99 -21.79 -1.12
N VAL A 385 -31.25 -22.41 0.02
CA VAL A 385 -30.30 -22.34 1.11
C VAL A 385 -30.67 -23.44 2.07
N ASP A 386 -29.67 -24.00 2.74
CA ASP A 386 -29.91 -24.97 3.78
C ASP A 386 -29.59 -24.30 5.10
N PRO A 387 -30.63 -23.91 5.85
CA PRO A 387 -30.38 -23.24 7.14
C PRO A 387 -29.55 -24.11 8.09
N PHE A 388 -29.47 -25.40 7.83
CA PHE A 388 -28.80 -26.30 8.77
C PHE A 388 -27.47 -26.84 8.26
N ASP A 389 -26.95 -26.22 7.21
CA ASP A 389 -25.62 -26.54 6.71
C ASP A 389 -24.51 -26.07 7.68
N SER B 4 -10.30 -8.95 26.72
CA SER B 4 -11.47 -9.81 26.49
C SER B 4 -12.46 -9.20 25.49
N ASP B 5 -12.07 -8.09 24.89
CA ASP B 5 -12.80 -7.55 23.76
C ASP B 5 -11.96 -7.21 22.55
N GLY B 6 -10.68 -6.94 22.79
CA GLY B 6 -9.77 -6.71 21.70
C GLY B 6 -8.70 -7.77 21.63
N PTR B 7 -7.68 -7.52 20.81
CA PTR B 7 -6.55 -8.41 20.66
C PTR B 7 -5.44 -7.96 21.61
O PTR B 7 -5.07 -6.79 21.62
CB PTR B 7 -6.08 -8.42 19.21
CG PTR B 7 -7.08 -9.09 18.28
CD1 PTR B 7 -7.48 -10.40 18.49
CD2 PTR B 7 -7.64 -8.39 17.21
CE1 PTR B 7 -8.41 -11.02 17.65
CE2 PTR B 7 -8.58 -8.99 16.37
CZ PTR B 7 -8.96 -10.31 16.60
OH PTR B 7 -9.79 -10.87 15.87
P PTR B 7 -10.58 -10.19 14.63
O1P PTR B 7 -11.47 -9.10 15.07
O2P PTR B 7 -11.43 -11.30 13.96
O3P PTR B 7 -9.58 -9.68 13.58
N THR B 8 -4.94 -8.88 22.41
CA THR B 8 -3.86 -8.58 23.34
C THR B 8 -2.50 -9.08 22.82
N PRO B 9 -1.41 -8.59 23.42
CA PRO B 9 -0.12 -9.03 22.90
C PRO B 9 0.11 -10.50 23.23
N GLU B 10 0.82 -11.20 22.35
CA GLU B 10 1.05 -12.64 22.51
C GLU B 10 1.68 -12.98 23.86
N PRO B 11 1.32 -14.16 24.41
CA PRO B 11 1.92 -14.60 25.66
C PRO B 11 3.35 -15.08 25.39
N ALA B 12 4.19 -15.14 26.44
CA ALA B 12 5.60 -15.45 26.23
C ALA B 12 6.28 -16.01 27.48
N ASP C 6 8.43 7.70 -28.54
CA ASP C 6 9.58 7.66 -29.43
C ASP C 6 10.71 6.79 -28.90
N LYS C 7 10.90 5.62 -29.50
CA LYS C 7 12.00 4.74 -29.10
C LYS C 7 13.29 5.50 -29.32
N LYS C 8 13.31 6.35 -30.34
CA LYS C 8 14.44 7.23 -30.58
C LYS C 8 14.67 8.05 -29.32
N MET C 9 13.59 8.46 -28.67
CA MET C 9 13.73 9.19 -27.42
C MET C 9 14.48 8.36 -26.38
N VAL C 10 13.96 7.16 -26.09
CA VAL C 10 14.56 6.26 -25.09
C VAL C 10 15.98 5.84 -25.46
N GLU C 11 16.20 5.63 -26.76
CA GLU C 11 17.52 5.37 -27.29
C GLU C 11 18.46 6.49 -26.91
N LYS C 12 18.07 7.71 -27.30
CA LYS C 12 18.92 8.87 -27.11
C LYS C 12 19.28 8.97 -25.66
N CYS C 13 18.27 8.75 -24.81
CA CYS C 13 18.45 8.84 -23.37
C CYS C 13 19.38 7.76 -22.83
N TRP C 14 19.34 6.57 -23.41
CA TRP C 14 20.28 5.54 -22.98
C TRP C 14 21.71 6.04 -23.15
N LYS C 15 22.02 6.54 -24.33
CA LYS C 15 23.39 6.96 -24.63
C LYS C 15 23.86 7.93 -23.56
N LEU C 16 23.03 8.91 -23.25
CA LEU C 16 23.38 9.88 -22.24
C LEU C 16 23.61 9.28 -20.86
N MET C 17 22.65 8.49 -20.40
CA MET C 17 22.77 7.86 -19.09
C MET C 17 24.03 7.00 -19.01
N ASP C 18 24.30 6.26 -20.07
CA ASP C 18 25.50 5.46 -20.15
C ASP C 18 26.73 6.32 -19.92
N LYS C 19 26.75 7.49 -20.55
CA LYS C 19 27.88 8.41 -20.43
C LYS C 19 28.07 8.85 -18.99
N VAL C 20 26.96 9.11 -18.29
CA VAL C 20 26.98 9.44 -16.85
C VAL C 20 27.50 8.28 -15.99
N VAL C 21 27.06 7.07 -16.29
CA VAL C 21 27.54 5.89 -15.59
C VAL C 21 29.05 5.76 -15.68
N ARG C 22 29.60 5.88 -16.88
CA ARG C 22 31.05 5.83 -17.04
C ARG C 22 31.72 6.93 -16.21
N LEU C 23 31.21 8.14 -16.29
CA LEU C 23 31.79 9.25 -15.52
C LEU C 23 31.79 8.93 -14.03
N CYS C 24 30.73 8.30 -13.58
CA CYS C 24 30.54 8.03 -12.16
C CYS C 24 31.26 6.78 -11.70
N GLN C 25 31.59 5.89 -12.62
CA GLN C 25 32.35 4.70 -12.26
C GLN C 25 33.81 4.99 -12.00
N ASN C 26 34.28 6.14 -12.46
CA ASN C 26 35.67 6.51 -12.22
C ASN C 26 36.12 6.21 -10.80
N PRO C 27 37.26 5.51 -10.67
CA PRO C 27 37.99 5.25 -9.42
C PRO C 27 38.30 6.52 -8.64
N LYS C 28 38.71 7.58 -9.33
CA LYS C 28 39.03 8.83 -8.68
C LYS C 28 37.82 9.42 -7.99
N LEU C 29 36.62 8.97 -8.35
CA LEU C 29 35.38 9.56 -7.83
C LEU C 29 35.04 9.04 -6.44
N ALA C 30 35.02 7.71 -6.31
CA ALA C 30 34.87 7.07 -5.00
C ALA C 30 33.46 7.08 -4.44
N LEU C 31 32.47 6.79 -5.28
CA LEU C 31 31.10 6.76 -4.80
C LEU C 31 30.83 5.59 -3.87
N LYS C 32 30.13 5.85 -2.75
CA LYS C 32 29.66 4.80 -1.84
C LYS C 32 28.27 4.32 -2.23
N ASN C 33 28.09 3.01 -2.17
CA ASN C 33 26.85 2.37 -2.60
C ASN C 33 25.60 2.88 -1.89
N SER C 34 25.77 3.76 -0.92
CA SER C 34 24.66 4.21 -0.08
C SER C 34 23.62 5.04 -0.80
N PRO C 35 22.36 4.65 -0.66
CA PRO C 35 21.22 5.39 -1.21
C PRO C 35 21.31 6.84 -0.82
N PRO C 36 21.21 7.76 -1.79
CA PRO C 36 20.92 7.46 -3.20
C PRO C 36 22.21 7.15 -3.96
N TYR C 37 22.14 6.14 -4.82
CA TYR C 37 23.32 5.63 -5.50
C TYR C 37 23.05 5.74 -6.96
N ILE C 38 23.74 6.67 -7.61
CA ILE C 38 23.43 6.99 -8.99
C ILE C 38 23.69 5.83 -9.93
N LEU C 39 24.62 4.95 -9.53
CA LEU C 39 25.04 3.84 -10.37
C LEU C 39 24.01 2.71 -10.39
N ASP C 40 23.08 2.75 -9.44
CA ASP C 40 21.92 1.85 -9.48
C ASP C 40 20.73 2.58 -10.10
N LEU C 41 20.58 3.86 -9.75
CA LEU C 41 19.43 4.64 -10.19
C LEU C 41 19.25 4.70 -11.70
N LEU C 42 20.34 4.88 -12.43
CA LEU C 42 20.22 5.06 -13.87
C LEU C 42 19.89 3.77 -14.64
N PRO C 43 20.67 2.68 -14.43
CA PRO C 43 20.26 1.46 -15.12
C PRO C 43 18.88 0.98 -14.66
N ASP C 44 18.48 1.29 -13.42
CA ASP C 44 17.14 0.92 -12.97
C ASP C 44 16.08 1.68 -13.76
N THR C 45 16.28 2.99 -13.88
CA THR C 45 15.42 3.84 -14.70
C THR C 45 15.38 3.30 -16.12
N TYR C 46 16.54 3.06 -16.72
CA TYR C 46 16.55 2.54 -18.09
C TYR C 46 15.72 1.27 -18.20
N GLN C 47 15.78 0.42 -17.17
CA GLN C 47 15.14 -0.90 -17.22
C GLN C 47 13.63 -0.79 -17.04
N HIS C 48 13.19 0.19 -16.26
CA HIS C 48 11.76 0.45 -16.13
C HIS C 48 11.24 0.99 -17.45
N LEU C 49 12.01 1.86 -18.09
CA LEU C 49 11.60 2.43 -19.34
C LEU C 49 11.49 1.36 -20.44
N ARG C 50 12.39 0.38 -20.44
CA ARG C 50 12.28 -0.72 -21.40
C ARG C 50 10.99 -1.51 -21.12
N THR C 51 10.74 -1.81 -19.85
CA THR C 51 9.50 -2.45 -19.45
C THR C 51 8.29 -1.75 -20.07
N ILE C 52 8.16 -0.47 -19.79
CA ILE C 52 7.05 0.32 -20.33
C ILE C 52 6.97 0.16 -21.86
N LEU C 53 8.10 0.35 -22.53
CA LEU C 53 8.20 0.17 -23.99
C LEU C 53 7.71 -1.20 -24.45
N SER C 54 7.84 -2.20 -23.59
CA SER C 54 7.37 -3.54 -23.91
C SER C 54 5.84 -3.53 -23.94
N ARG C 55 5.27 -3.03 -22.85
CA ARG C 55 3.82 -3.02 -22.71
C ARG C 55 3.10 -2.29 -23.85
N TYR C 56 3.79 -1.36 -24.49
CA TYR C 56 3.15 -0.51 -25.51
C TYR C 56 3.55 -0.87 -26.93
N GLU C 57 4.21 -2.01 -27.09
CA GLU C 57 4.46 -2.54 -28.41
C GLU C 57 3.11 -2.70 -29.08
N GLY C 58 2.94 -2.12 -30.26
CA GLY C 58 1.65 -2.08 -30.93
C GLY C 58 0.87 -0.84 -30.54
N LYS C 59 0.50 -0.77 -29.27
CA LYS C 59 -0.20 0.39 -28.74
C LYS C 59 0.77 1.46 -28.30
N MET C 60 1.57 1.96 -29.25
CA MET C 60 2.63 2.93 -28.95
C MET C 60 2.15 4.36 -29.11
N GLU C 61 0.96 4.52 -29.66
CA GLU C 61 0.41 5.84 -29.88
C GLU C 61 -0.22 6.37 -28.61
N THR C 62 -0.77 5.46 -27.79
CA THR C 62 -1.25 5.84 -26.48
C THR C 62 -0.09 6.45 -25.72
N LEU C 63 1.07 5.81 -25.85
CA LEU C 63 2.26 6.28 -25.20
C LEU C 63 2.67 7.63 -25.79
N GLY C 64 2.64 7.74 -27.11
CA GLY C 64 2.99 8.99 -27.78
C GLY C 64 2.08 10.14 -27.39
N GLU C 65 0.86 9.81 -26.97
CA GLU C 65 -0.11 10.79 -26.53
C GLU C 65 0.05 11.08 -25.04
N ASN C 66 0.49 10.07 -24.29
CA ASN C 66 0.67 10.21 -22.85
C ASN C 66 1.53 11.40 -22.49
N GLU C 67 0.93 12.39 -21.84
CA GLU C 67 1.62 13.64 -21.53
C GLU C 67 2.76 13.44 -20.52
N TYR C 68 2.50 12.65 -19.49
CA TYR C 68 3.47 12.46 -18.41
C TYR C 68 4.75 11.82 -18.90
N PHE C 69 4.62 10.72 -19.65
CA PHE C 69 5.78 9.99 -20.16
C PHE C 69 6.64 10.93 -21.00
N ARG C 70 6.00 11.62 -21.93
CA ARG C 70 6.66 12.62 -22.76
C ARG C 70 7.41 13.64 -21.91
N VAL C 71 6.72 14.26 -20.96
CA VAL C 71 7.35 15.22 -20.05
C VAL C 71 8.49 14.59 -19.26
N PHE C 72 8.31 13.33 -18.87
CA PHE C 72 9.34 12.65 -18.12
C PHE C 72 10.60 12.51 -18.97
N MET C 73 10.44 12.03 -20.20
CA MET C 73 11.60 11.85 -21.06
C MET C 73 12.35 13.16 -21.28
N GLU C 74 11.62 14.23 -21.57
CA GLU C 74 12.24 15.55 -21.70
C GLU C 74 13.15 15.86 -20.53
N ASN C 75 12.64 15.63 -19.31
CA ASN C 75 13.39 15.98 -18.10
C ASN C 75 14.53 15.02 -17.83
N LEU C 76 14.35 13.77 -18.23
CA LEU C 76 15.40 12.77 -18.06
C LEU C 76 16.61 13.16 -18.89
N MET C 77 16.35 13.61 -20.10
CA MET C 77 17.42 14.04 -20.99
C MET C 77 18.14 15.26 -20.44
N LYS C 78 17.36 16.28 -20.09
CA LYS C 78 17.93 17.51 -19.53
C LYS C 78 18.87 17.26 -18.35
N LYS C 79 18.45 16.38 -17.44
CA LYS C 79 19.19 16.15 -16.20
C LYS C 79 20.48 15.36 -16.43
N THR C 80 20.46 14.47 -17.41
CA THR C 80 21.63 13.67 -17.71
C THR C 80 22.64 14.54 -18.45
N LYS C 81 22.14 15.33 -19.41
CA LYS C 81 22.96 16.34 -20.12
C LYS C 81 23.58 17.31 -19.12
N GLN C 82 22.81 17.70 -18.13
CA GLN C 82 23.30 18.59 -17.10
C GLN C 82 24.37 17.90 -16.25
N THR C 83 24.17 16.62 -15.96
CA THR C 83 25.16 15.87 -15.17
C THR C 83 26.47 15.68 -15.97
N ILE C 84 26.33 15.49 -17.27
CA ILE C 84 27.47 15.30 -18.15
C ILE C 84 28.33 16.57 -18.17
N SER C 85 27.68 17.72 -18.37
CA SER C 85 28.41 18.99 -18.34
C SER C 85 28.92 19.35 -16.96
N LEU C 86 28.21 18.92 -15.91
CA LEU C 86 28.72 19.13 -14.56
C LEU C 86 30.12 18.54 -14.46
N PHE C 87 30.29 17.33 -15.00
CA PHE C 87 31.61 16.70 -15.01
C PHE C 87 32.66 17.46 -15.80
N LYS C 88 32.25 17.96 -16.97
CA LYS C 88 33.10 18.75 -17.86
C LYS C 88 33.55 20.06 -17.23
N GLU C 89 32.60 20.84 -16.70
CA GLU C 89 32.94 22.14 -16.10
C GLU C 89 33.69 21.99 -14.78
N GLY C 90 33.28 21.02 -13.97
CA GLY C 90 33.89 20.84 -12.65
C GLY C 90 35.25 20.19 -12.71
N LYS C 91 35.46 19.32 -13.69
CA LYS C 91 36.72 18.64 -13.86
C LYS C 91 37.21 17.96 -12.63
N GLU C 92 38.47 18.25 -12.32
CA GLU C 92 39.16 17.66 -11.18
C GLU C 92 38.42 17.94 -9.86
N ARG C 93 37.50 18.90 -9.89
CA ARG C 93 36.74 19.27 -8.71
C ARG C 93 35.85 18.11 -8.28
N MET C 94 35.40 17.35 -9.27
CA MET C 94 34.46 16.29 -9.02
C MET C 94 35.05 15.30 -8.04
N TYR C 95 36.37 15.09 -8.13
CA TYR C 95 37.04 14.11 -7.27
C TYR C 95 37.31 14.60 -5.84
N GLU C 96 37.07 15.88 -5.55
CA GLU C 96 37.20 16.42 -4.19
C GLU C 96 35.89 16.24 -3.41
N GLU C 97 35.91 15.32 -2.44
CA GLU C 97 34.72 14.92 -1.71
C GLU C 97 33.81 16.08 -1.33
N ASN C 98 34.41 17.18 -0.87
CA ASN C 98 33.64 18.28 -0.30
C ASN C 98 33.40 19.46 -1.23
N SER C 99 33.72 19.31 -2.51
CA SER C 99 33.60 20.42 -3.45
C SER C 99 32.14 20.75 -3.71
N GLN C 100 31.88 21.95 -4.21
CA GLN C 100 30.52 22.31 -4.58
C GLN C 100 30.09 21.63 -5.89
N PRO C 101 31.03 21.36 -6.80
CA PRO C 101 30.60 20.61 -7.99
C PRO C 101 30.14 19.20 -7.62
N ARG C 102 30.82 18.62 -6.64
CA ARG C 102 30.48 17.31 -6.15
C ARG C 102 29.15 17.34 -5.40
N ARG C 103 29.02 18.31 -4.51
CA ARG C 103 27.78 18.54 -3.77
C ARG C 103 26.62 18.57 -4.75
N ASN C 104 26.86 19.19 -5.88
CA ASN C 104 25.87 19.25 -6.94
C ASN C 104 25.62 17.86 -7.51
N LEU C 105 26.65 17.03 -7.55
CA LEU C 105 26.46 15.65 -8.00
C LEU C 105 25.51 14.96 -7.05
N THR C 106 25.73 15.15 -5.76
CA THR C 106 24.86 14.56 -4.77
C THR C 106 23.42 14.97 -4.96
N LYS C 107 23.21 16.26 -5.18
CA LYS C 107 21.85 16.76 -5.34
C LYS C 107 21.17 16.09 -6.53
N LEU C 108 21.93 15.82 -7.58
CA LEU C 108 21.41 15.21 -8.81
C LEU C 108 21.04 13.75 -8.59
N SER C 109 21.83 13.09 -7.76
CA SER C 109 21.52 11.75 -7.26
C SER C 109 20.18 11.72 -6.52
N LEU C 110 19.88 12.78 -5.76
CA LEU C 110 18.61 12.85 -5.04
C LEU C 110 17.47 13.01 -6.03
N ILE C 111 17.69 13.82 -7.05
CA ILE C 111 16.69 14.10 -8.07
C ILE C 111 16.41 12.85 -8.92
N PHE C 112 17.47 12.14 -9.29
CA PHE C 112 17.32 10.91 -10.04
C PHE C 112 16.53 9.92 -9.20
N SER C 113 16.81 9.88 -7.89
CA SER C 113 16.06 9.02 -6.99
C SER C 113 14.58 9.37 -6.97
N HIS C 114 14.29 10.66 -6.78
CA HIS C 114 12.93 11.15 -6.77
C HIS C 114 12.20 10.90 -8.08
N MET C 115 12.89 11.12 -9.18
CA MET C 115 12.35 10.86 -10.51
C MET C 115 11.93 9.39 -10.70
N LEU C 116 12.80 8.46 -10.29
CA LEU C 116 12.52 7.04 -10.45
C LEU C 116 11.34 6.64 -9.60
N ALA C 117 11.34 7.04 -8.33
CA ALA C 117 10.19 6.81 -7.45
C ALA C 117 8.92 7.21 -8.20
N GLU C 118 8.94 8.40 -8.80
CA GLU C 118 7.76 8.95 -9.46
C GLU C 118 7.39 8.15 -10.69
N LEU C 119 8.39 7.73 -11.45
CA LEU C 119 8.17 6.94 -12.64
C LEU C 119 7.47 5.61 -12.35
N LYS C 120 7.97 4.88 -11.36
CA LYS C 120 7.35 3.61 -10.96
C LYS C 120 5.95 3.79 -10.38
N GLY C 121 5.75 4.88 -9.63
CA GLY C 121 4.47 5.20 -9.03
C GLY C 121 3.40 5.49 -10.06
N ILE C 122 3.83 6.01 -11.21
CA ILE C 122 2.91 6.31 -12.32
C ILE C 122 2.76 5.15 -13.31
N PHE C 123 3.88 4.51 -13.66
CA PHE C 123 3.86 3.31 -14.49
C PHE C 123 4.32 2.11 -13.68
N PRO C 124 3.51 1.67 -12.71
CA PRO C 124 4.01 0.50 -12.00
C PRO C 124 3.91 -0.70 -12.93
N SER C 125 4.89 -1.59 -12.90
CA SER C 125 4.88 -2.74 -13.81
C SER C 125 4.87 -2.31 -15.28
N GLY C 126 5.09 -1.03 -15.54
CA GLY C 126 5.18 -0.54 -16.90
C GLY C 126 3.84 -0.15 -17.48
N LEU C 127 2.83 -0.11 -16.63
CA LEU C 127 1.45 0.18 -17.06
C LEU C 127 0.98 1.53 -16.52
N PHE C 128 0.62 2.47 -17.40
CA PHE C 128 0.13 3.79 -16.98
C PHE C 128 -1.12 3.74 -16.09
N GLN C 129 -0.91 3.95 -14.79
CA GLN C 129 -1.99 3.94 -13.81
C GLN C 129 -2.04 5.28 -13.12
N GLY C 130 -1.67 6.32 -13.85
CA GLY C 130 -1.68 7.67 -13.32
C GLY C 130 -3.08 8.22 -13.21
N ASP C 131 -3.87 8.03 -14.27
CA ASP C 131 -5.25 8.50 -14.28
C ASP C 131 -6.08 7.74 -13.26
N THR C 132 -5.46 6.79 -12.58
CA THR C 132 -6.10 6.00 -11.55
C THR C 132 -5.34 6.09 -10.21
N PHE C 133 -4.52 7.13 -10.07
CA PHE C 133 -3.64 7.23 -8.91
C PHE C 133 -4.40 7.55 -7.63
N ARG C 134 -4.03 6.87 -6.54
CA ARG C 134 -4.69 7.05 -5.25
C ARG C 134 -3.86 7.89 -4.28
N ILE C 135 -4.28 9.12 -4.02
CA ILE C 135 -3.55 9.91 -3.04
C ILE C 135 -3.83 9.38 -1.63
N THR C 136 -2.83 9.49 -0.75
CA THR C 136 -2.89 8.92 0.59
C THR C 136 -3.89 9.62 1.50
N LYS C 137 -3.79 10.95 1.56
CA LYS C 137 -4.65 11.76 2.41
C LYS C 137 -5.94 12.14 1.71
N ALA C 138 -7.06 11.71 2.30
CA ALA C 138 -8.37 11.97 1.72
C ALA C 138 -8.56 13.47 1.52
N ASP C 139 -8.11 14.25 2.50
CA ASP C 139 -8.06 15.72 2.42
C ASP C 139 -7.43 16.22 1.12
N ALA C 140 -6.19 15.81 0.88
CA ALA C 140 -5.46 16.26 -0.29
C ALA C 140 -6.06 15.65 -1.54
N ALA C 141 -6.47 14.39 -1.42
CA ALA C 141 -6.99 13.66 -2.58
C ALA C 141 -8.22 14.37 -3.16
N GLU C 142 -9.10 14.84 -2.29
CA GLU C 142 -10.26 15.62 -2.73
C GLU C 142 -9.79 16.88 -3.44
N PHE C 143 -8.82 17.57 -2.86
CA PHE C 143 -8.28 18.78 -3.46
C PHE C 143 -7.82 18.56 -4.91
N TRP C 144 -7.04 17.52 -5.14
CA TRP C 144 -6.54 17.26 -6.48
C TRP C 144 -7.67 16.96 -7.49
N ARG C 145 -8.57 16.03 -7.19
CA ARG C 145 -9.60 15.62 -8.16
C ARG C 145 -10.60 16.73 -8.38
N LYS C 146 -10.69 17.60 -7.40
CA LYS C 146 -11.53 18.77 -7.48
C LYS C 146 -10.94 19.76 -8.48
N ALA C 147 -9.64 20.02 -8.34
CA ALA C 147 -8.99 21.01 -9.19
C ALA C 147 -8.55 20.45 -10.54
N PHE C 148 -8.14 19.18 -10.57
CA PHE C 148 -7.52 18.62 -11.78
C PHE C 148 -8.08 17.28 -12.29
N GLY C 149 -9.14 16.78 -11.66
CA GLY C 149 -9.75 15.54 -12.12
C GLY C 149 -8.79 14.36 -12.07
N GLU C 150 -8.56 13.74 -13.23
CA GLU C 150 -7.68 12.57 -13.38
C GLU C 150 -6.26 12.93 -13.79
N LYS C 151 -6.00 14.22 -14.01
CA LYS C 151 -4.69 14.66 -14.49
C LYS C 151 -3.58 14.02 -13.66
N THR C 152 -2.45 13.74 -14.31
CA THR C 152 -1.30 13.17 -13.60
C THR C 152 -0.30 14.27 -13.26
N ILE C 153 -0.18 15.23 -14.16
CA ILE C 153 0.62 16.39 -13.87
C ILE C 153 -0.12 17.68 -14.22
N VAL C 154 0.29 18.77 -13.57
CA VAL C 154 -0.18 20.10 -13.90
C VAL C 154 1.02 21.05 -13.84
N PRO C 155 1.12 21.96 -14.80
CA PRO C 155 2.10 23.04 -14.74
C PRO C 155 2.11 23.64 -13.34
N TRP C 156 3.28 24.03 -12.86
CA TRP C 156 3.41 24.65 -11.55
C TRP C 156 2.45 25.79 -11.32
N LYS C 157 2.29 26.65 -12.32
CA LYS C 157 1.46 27.84 -12.17
C LYS C 157 -0.01 27.47 -12.03
N SER C 158 -0.48 26.56 -12.87
CA SER C 158 -1.82 26.01 -12.69
C SER C 158 -1.93 25.56 -11.25
N PHE C 159 -0.95 24.78 -10.81
CA PHE C 159 -0.95 24.23 -9.46
C PHE C 159 -0.92 25.31 -8.38
N ARG C 160 -0.11 26.34 -8.60
CA ARG C 160 0.06 27.38 -7.62
C ARG C 160 -1.23 28.16 -7.42
N GLN C 161 -1.98 28.39 -8.51
CA GLN C 161 -3.21 29.15 -8.42
C GLN C 161 -4.37 28.31 -7.89
N ALA C 162 -4.34 27.00 -8.17
CA ALA C 162 -5.32 26.07 -7.63
C ALA C 162 -5.14 25.94 -6.12
N LEU C 163 -3.88 25.89 -5.69
CA LEU C 163 -3.58 25.71 -4.27
C LEU C 163 -3.90 26.96 -3.50
N HIS C 164 -3.68 28.08 -4.14
CA HIS C 164 -3.84 29.41 -3.56
C HIS C 164 -5.26 29.66 -3.04
N GLU C 165 -6.25 29.08 -3.72
CA GLU C 165 -7.66 29.29 -3.38
C GLU C 165 -8.09 28.59 -2.10
N VAL C 166 -7.27 27.64 -1.64
CA VAL C 166 -7.49 26.93 -0.38
C VAL C 166 -6.46 27.36 0.67
N HIS C 167 -5.18 27.22 0.34
CA HIS C 167 -4.12 27.69 1.24
C HIS C 167 -3.44 28.94 0.68
N PRO C 168 -3.53 30.06 1.43
CA PRO C 168 -3.09 31.32 0.86
C PRO C 168 -1.59 31.34 0.74
N ILE C 169 -1.11 31.66 -0.45
CA ILE C 169 0.30 31.85 -0.69
C ILE C 169 0.61 33.35 -0.67
N SER C 170 1.38 33.79 0.32
CA SER C 170 1.63 35.21 0.53
C SER C 170 2.25 35.96 -0.66
N SER C 171 3.43 35.51 -1.10
CA SER C 171 4.17 36.23 -2.12
C SER C 171 4.73 35.35 -3.24
N GLY C 172 5.54 35.96 -4.11
CA GLY C 172 6.22 35.24 -5.16
C GLY C 172 7.44 34.51 -4.61
N LEU C 173 7.88 34.92 -3.41
CA LEU C 173 9.04 34.32 -2.76
C LEU C 173 8.63 33.09 -1.99
N GLU C 174 7.48 33.17 -1.34
CA GLU C 174 6.93 32.00 -0.67
C GLU C 174 6.60 30.95 -1.73
N ALA C 175 6.07 31.41 -2.86
CA ALA C 175 5.73 30.52 -3.95
C ALA C 175 6.97 29.84 -4.54
N MET C 176 8.08 30.57 -4.59
CA MET C 176 9.33 29.99 -5.10
C MET C 176 10.02 29.14 -4.03
N ALA C 177 9.92 29.54 -2.77
CA ALA C 177 10.40 28.74 -1.66
C ALA C 177 9.63 27.43 -1.59
N LEU C 178 8.32 27.50 -1.86
CA LEU C 178 7.46 26.32 -1.89
C LEU C 178 7.70 25.40 -3.09
N LYS C 179 7.79 25.99 -4.28
CA LYS C 179 8.01 25.20 -5.48
C LYS C 179 9.29 24.42 -5.31
N SER C 180 10.26 25.04 -4.64
CA SER C 180 11.56 24.42 -4.50
C SER C 180 11.38 23.18 -3.66
N THR C 181 10.37 23.21 -2.80
CA THR C 181 10.17 22.13 -1.84
C THR C 181 9.36 20.97 -2.42
N ILE C 182 8.36 21.27 -3.23
CA ILE C 182 7.45 20.25 -3.74
C ILE C 182 7.85 19.70 -5.11
N ASP C 183 8.52 20.53 -5.90
CA ASP C 183 8.92 20.16 -7.26
C ASP C 183 10.21 19.35 -7.20
N LEU C 184 10.07 18.08 -6.82
CA LEU C 184 11.20 17.21 -6.61
C LEU C 184 11.95 16.84 -7.89
N THR C 185 11.24 16.80 -9.00
CA THR C 185 11.86 16.41 -10.26
C THR C 185 12.42 17.64 -10.95
N CYS C 186 12.21 18.80 -10.34
CA CYS C 186 12.79 20.05 -10.79
C CYS C 186 12.47 20.34 -12.24
N ASN C 187 11.19 20.41 -12.57
CA ASN C 187 10.84 20.61 -13.96
C ASN C 187 9.62 21.50 -14.19
N ASP C 188 9.23 22.24 -13.15
CA ASP C 188 8.14 23.19 -13.25
C ASP C 188 6.78 22.55 -13.55
N TYR C 189 6.68 21.24 -13.34
CA TYR C 189 5.38 20.58 -13.32
C TYR C 189 5.20 20.04 -11.93
N ILE C 190 3.96 19.86 -11.51
CA ILE C 190 3.74 19.09 -10.29
C ILE C 190 2.88 17.90 -10.67
N SER C 191 3.32 16.72 -10.24
CA SER C 191 2.62 15.51 -10.57
C SER C 191 1.75 15.15 -9.39
N VAL C 192 0.71 14.37 -9.64
CA VAL C 192 -0.11 13.88 -8.56
C VAL C 192 0.72 13.22 -7.47
N PHE C 193 1.79 12.56 -7.90
CA PHE C 193 2.74 11.86 -7.03
C PHE C 193 3.51 12.77 -6.08
N GLU C 194 4.13 13.81 -6.62
CA GLU C 194 4.84 14.80 -5.83
C GLU C 194 3.89 15.48 -4.88
N PHE C 195 2.72 15.80 -5.42
CA PHE C 195 1.67 16.32 -4.59
C PHE C 195 1.52 15.40 -3.38
N ASP C 196 1.26 14.12 -3.65
CA ASP C 196 1.11 13.09 -2.63
C ASP C 196 2.17 13.13 -1.54
N ILE C 197 3.44 13.08 -1.94
CA ILE C 197 4.55 13.15 -0.97
C ILE C 197 4.52 14.42 -0.13
N PHE C 198 4.38 15.58 -0.77
CA PHE C 198 4.43 16.84 -0.05
C PHE C 198 3.32 16.92 1.00
N THR C 199 2.12 16.47 0.62
CA THR C 199 0.97 16.53 1.52
C THR C 199 1.12 15.51 2.65
N ARG C 200 1.83 14.43 2.38
CA ARG C 200 2.20 13.47 3.43
C ARG C 200 3.23 14.05 4.39
N LEU C 201 4.29 14.64 3.84
CA LEU C 201 5.35 15.20 4.65
C LEU C 201 4.85 16.33 5.53
N PHE C 202 3.89 17.09 5.03
CA PHE C 202 3.43 18.27 5.76
C PHE C 202 1.99 18.21 6.26
N GLN C 203 1.52 16.99 6.53
CA GLN C 203 0.23 16.76 7.19
C GLN C 203 0.17 17.46 8.56
N PRO C 204 -1.04 17.90 8.97
CA PRO C 204 -2.29 17.68 8.28
C PRO C 204 -2.58 18.76 7.25
N TRP C 205 -3.40 18.40 6.27
CA TRP C 205 -3.78 19.30 5.17
C TRP C 205 -4.36 20.60 5.69
N SER C 206 -4.98 20.53 6.85
CA SER C 206 -5.67 21.67 7.40
C SER C 206 -4.71 22.85 7.54
N SER C 207 -3.50 22.57 8.02
CA SER C 207 -2.57 23.65 8.27
C SER C 207 -1.33 23.48 7.40
N LEU C 208 -1.59 23.04 6.17
CA LEU C 208 -0.54 22.58 5.25
C LEU C 208 0.64 23.54 5.18
N LEU C 209 0.41 24.73 4.66
CA LEU C 209 1.47 25.72 4.47
C LEU C 209 2.06 26.22 5.77
N ARG C 210 1.25 26.29 6.82
CA ARG C 210 1.78 26.68 8.10
C ARG C 210 2.79 25.64 8.58
N ASN C 211 2.43 24.37 8.42
CA ASN C 211 3.34 23.30 8.83
C ASN C 211 4.63 23.39 8.04
N TRP C 212 4.50 23.57 6.73
CA TRP C 212 5.65 23.65 5.84
C TRP C 212 6.52 24.86 6.17
N ASN C 213 5.86 25.98 6.44
CA ASN C 213 6.58 27.20 6.77
C ASN C 213 7.44 27.01 8.00
N SER C 214 6.83 26.41 9.02
CA SER C 214 7.46 26.31 10.32
C SER C 214 8.38 25.10 10.43
N LEU C 215 8.12 24.08 9.61
CA LEU C 215 8.93 22.86 9.63
C LEU C 215 10.10 22.92 8.65
N ALA C 216 9.83 23.34 7.43
CA ALA C 216 10.86 23.44 6.40
C ALA C 216 11.54 24.80 6.42
N VAL C 217 10.75 25.84 6.16
CA VAL C 217 11.33 27.14 5.81
C VAL C 217 12.06 27.80 6.97
N THR C 218 11.36 27.91 8.09
CA THR C 218 11.83 28.70 9.22
C THR C 218 12.69 27.88 10.18
N HIS C 219 12.64 26.57 10.03
CA HIS C 219 13.33 25.66 10.94
C HIS C 219 14.74 25.34 10.46
N PRO C 220 15.74 25.74 11.26
CA PRO C 220 17.18 25.62 10.95
C PRO C 220 17.73 24.22 11.19
N GLY C 221 16.89 23.32 11.66
CA GLY C 221 17.27 21.92 11.76
C GLY C 221 17.02 21.28 10.42
N TYR C 222 16.26 21.97 9.57
CA TYR C 222 15.90 21.42 8.28
C TYR C 222 17.03 21.45 7.25
N MET C 223 17.28 20.30 6.65
CA MET C 223 18.27 20.22 5.58
C MET C 223 17.60 19.88 4.26
N ALA C 224 17.73 20.81 3.31
CA ALA C 224 17.18 20.63 1.99
C ALA C 224 18.18 19.80 1.17
N PHE C 225 17.67 18.93 0.33
CA PHE C 225 18.56 18.19 -0.56
C PHE C 225 19.73 17.52 0.15
N LEU C 226 19.46 16.83 1.25
CA LEU C 226 20.52 16.20 2.00
C LEU C 226 20.34 14.68 2.07
N THR C 227 21.46 13.95 2.10
CA THR C 227 21.44 12.49 2.15
C THR C 227 21.87 11.93 3.51
N TYR C 228 21.54 10.65 3.72
CA TYR C 228 21.89 9.94 4.93
C TYR C 228 23.34 10.18 5.32
N ASP C 229 24.23 10.02 4.34
CA ASP C 229 25.67 10.16 4.59
C ASP C 229 26.12 11.60 4.84
N GLU C 230 25.41 12.55 4.24
CA GLU C 230 25.73 13.95 4.46
C GLU C 230 25.27 14.34 5.85
N VAL C 231 24.13 13.78 6.27
CA VAL C 231 23.67 13.98 7.63
C VAL C 231 24.73 13.50 8.58
N LYS C 232 25.01 12.20 8.55
CA LYS C 232 26.00 11.62 9.44
C LYS C 232 27.29 12.39 9.35
N ALA C 233 27.55 12.99 8.18
CA ALA C 233 28.75 13.78 7.98
C ALA C 233 28.65 15.14 8.67
N ARG C 234 27.50 15.79 8.54
CA ARG C 234 27.35 17.15 9.06
C ARG C 234 27.26 17.22 10.59
N LEU C 235 26.76 16.16 11.23
CA LEU C 235 26.70 16.08 12.69
C LEU C 235 28.02 15.68 13.31
N GLN C 236 29.10 15.85 12.56
CA GLN C 236 30.38 15.43 13.08
C GLN C 236 30.85 16.43 14.13
N LYS C 237 30.79 17.71 13.82
CA LYS C 237 31.25 18.73 14.76
C LYS C 237 30.41 18.75 16.04
N PHE C 238 29.31 18.01 16.04
CA PHE C 238 28.38 18.00 17.17
C PHE C 238 28.27 16.63 17.84
N ILE C 239 29.15 15.73 17.41
CA ILE C 239 29.35 14.47 18.11
C ILE C 239 29.62 14.76 19.59
N HIS C 240 30.21 15.93 19.84
CA HIS C 240 30.59 16.39 21.18
C HIS C 240 29.56 17.32 21.80
N LYS C 241 28.40 17.42 21.18
CA LYS C 241 27.30 18.19 21.73
C LYS C 241 25.97 17.46 21.56
N PRO C 242 25.80 16.33 22.25
CA PRO C 242 24.62 15.45 22.19
C PRO C 242 23.32 16.24 22.22
N GLY C 243 22.26 15.67 21.69
CA GLY C 243 21.01 16.39 21.55
C GLY C 243 21.01 17.24 20.28
N SER C 244 22.15 17.28 19.60
CA SER C 244 22.24 17.87 18.27
C SER C 244 21.49 16.95 17.30
N TYR C 245 20.62 17.55 16.49
CA TYR C 245 19.81 16.77 15.57
C TYR C 245 19.54 17.55 14.29
N ILE C 246 19.15 16.82 13.25
CA ILE C 246 18.65 17.42 12.04
C ILE C 246 17.73 16.45 11.36
N PHE C 247 17.11 16.90 10.29
CA PHE C 247 16.14 16.09 9.60
C PHE C 247 16.00 16.56 8.17
N ARG C 248 15.37 15.72 7.35
CA ARG C 248 15.40 15.88 5.90
C ARG C 248 14.38 14.89 5.41
N LEU C 249 14.05 14.97 4.13
CA LEU C 249 13.25 13.92 3.56
C LEU C 249 14.07 12.64 3.64
N SER C 250 13.38 11.55 3.98
CA SER C 250 13.93 10.21 3.80
C SER C 250 14.01 9.96 2.30
N CYS C 251 15.07 9.30 1.88
CA CYS C 251 15.25 9.02 0.48
C CYS C 251 14.68 7.67 0.10
N THR C 252 14.94 6.65 0.91
CA THR C 252 14.42 5.30 0.61
C THR C 252 12.92 5.16 0.87
N ARG C 253 12.42 5.84 1.90
CA ARG C 253 10.99 5.84 2.15
C ARG C 253 10.44 7.21 1.78
N LEU C 254 10.21 7.42 0.49
CA LEU C 254 9.79 8.73 0.02
C LEU C 254 8.43 9.11 0.59
N GLY C 255 8.36 10.28 1.20
CA GLY C 255 7.12 10.75 1.79
C GLY C 255 7.25 10.78 3.31
N GLN C 256 8.35 10.24 3.81
CA GLN C 256 8.60 10.21 5.25
C GLN C 256 9.78 11.07 5.62
N TRP C 257 9.95 11.24 6.91
CA TRP C 257 10.95 12.11 7.45
C TRP C 257 12.10 11.29 7.97
N ALA C 258 13.27 11.92 8.10
CA ALA C 258 14.43 11.22 8.62
C ALA C 258 15.19 12.14 9.56
N ILE C 259 15.12 11.86 10.84
CA ILE C 259 15.78 12.69 11.81
C ILE C 259 17.12 12.04 12.13
N GLY C 260 18.19 12.80 11.99
CA GLY C 260 19.51 12.34 12.41
C GLY C 260 19.80 13.08 13.69
N TYR C 261 20.47 12.42 14.64
CA TYR C 261 20.70 13.04 15.94
C TYR C 261 21.89 12.47 16.69
N VAL C 262 22.49 13.30 17.52
CA VAL C 262 23.60 12.91 18.39
C VAL C 262 23.05 12.38 19.71
N THR C 263 23.71 11.36 20.26
CA THR C 263 23.30 10.79 21.54
C THR C 263 24.33 11.15 22.59
N ALA C 264 23.96 11.04 23.87
CA ALA C 264 24.91 11.24 24.96
C ALA C 264 26.07 10.25 24.87
N ASP C 265 25.83 9.15 24.14
CA ASP C 265 26.87 8.18 23.89
C ASP C 265 27.96 8.75 23.00
N GLY C 266 27.59 9.72 22.17
CA GLY C 266 28.52 10.36 21.26
C GLY C 266 28.52 9.69 19.89
N ASN C 267 27.46 8.95 19.58
CA ASN C 267 27.30 8.41 18.23
C ASN C 267 26.13 9.05 17.48
N ILE C 268 26.11 8.86 16.16
CA ILE C 268 25.07 9.44 15.33
C ILE C 268 24.14 8.38 14.80
N LEU C 269 22.88 8.47 15.20
CA LEU C 269 21.85 7.60 14.67
C LEU C 269 20.94 8.43 13.78
N GLN C 270 20.12 7.75 12.98
CA GLN C 270 19.07 8.39 12.23
C GLN C 270 17.84 7.49 12.28
N THR C 271 16.65 8.08 12.42
CA THR C 271 15.42 7.31 12.51
C THR C 271 14.27 7.85 11.67
N ILE C 272 13.36 6.96 11.26
CA ILE C 272 12.21 7.34 10.45
C ILE C 272 10.89 7.11 11.22
N PRO C 273 10.27 8.18 11.71
CA PRO C 273 8.94 8.04 12.32
C PRO C 273 7.95 7.51 11.30
N HIS C 274 7.46 6.32 11.54
CA HIS C 274 6.58 5.65 10.60
C HIS C 274 5.24 6.37 10.40
N ASN C 275 4.39 6.48 11.43
CA ASN C 275 3.15 7.21 11.16
C ASN C 275 3.25 8.64 11.65
N LYS C 276 3.60 8.74 12.92
CA LYS C 276 3.39 9.92 13.69
C LYS C 276 4.00 11.16 13.01
N PRO C 277 3.29 12.29 13.12
CA PRO C 277 3.49 13.54 12.38
C PRO C 277 4.77 14.23 12.88
N LEU C 278 5.39 15.04 12.03
CA LEU C 278 6.74 15.50 12.29
C LEU C 278 6.90 16.38 13.53
N PHE C 279 6.01 17.35 13.69
CA PHE C 279 6.11 18.25 14.83
C PHE C 279 5.86 17.51 16.14
N GLN C 280 4.96 16.52 16.13
CA GLN C 280 4.71 15.71 17.31
C GLN C 280 5.98 14.94 17.59
N ALA C 281 6.45 14.22 16.57
CA ALA C 281 7.73 13.53 16.66
C ALA C 281 8.83 14.45 17.19
N LEU C 282 8.82 15.68 16.74
CA LEU C 282 9.84 16.65 17.13
C LEU C 282 9.54 17.26 18.50
N ILE C 283 8.26 17.33 18.84
CA ILE C 283 7.85 17.82 20.14
C ILE C 283 8.21 16.82 21.24
N ASP C 284 7.63 15.62 21.18
CA ASP C 284 7.98 14.56 22.11
C ASP C 284 9.49 14.48 22.19
N GLY C 285 10.13 14.46 21.02
CA GLY C 285 11.58 14.39 20.91
C GLY C 285 12.38 15.44 21.67
N PHE C 286 11.94 16.70 21.63
CA PHE C 286 12.56 17.74 22.47
C PHE C 286 12.30 17.36 23.93
N ARG C 287 11.02 17.24 24.26
CA ARG C 287 10.57 16.82 25.59
C ARG C 287 11.42 15.72 26.22
N GLU C 288 11.48 14.56 25.58
CA GLU C 288 12.17 13.41 26.12
C GLU C 288 13.70 13.52 26.01
N GLY C 289 14.20 14.74 25.80
CA GLY C 289 15.62 15.04 25.87
C GLY C 289 16.56 14.57 24.75
N PHE C 290 16.03 14.41 23.54
CA PHE C 290 16.81 13.83 22.44
C PHE C 290 17.21 14.88 21.39
N TYR C 291 16.21 15.55 20.83
CA TYR C 291 16.42 16.57 19.81
C TYR C 291 16.41 17.92 20.47
N LEU C 292 17.59 18.47 20.75
CA LEU C 292 17.65 19.66 21.57
C LEU C 292 18.32 20.82 20.85
N PHE C 293 19.15 20.50 19.86
CA PHE C 293 19.93 21.53 19.19
C PHE C 293 19.97 21.36 17.70
N PRO C 294 18.89 21.78 17.01
CA PRO C 294 18.81 21.65 15.55
C PRO C 294 20.05 22.27 14.90
N ASP C 295 20.81 21.49 14.15
CA ASP C 295 22.02 22.00 13.51
C ASP C 295 22.97 22.60 14.54
N GLY C 296 22.91 22.08 15.77
CA GLY C 296 23.89 22.40 16.81
C GLY C 296 23.64 23.68 17.59
N ARG C 297 22.72 24.49 17.08
CA ARG C 297 22.38 25.77 17.72
C ARG C 297 21.71 25.56 19.08
N ASN C 298 21.97 26.47 20.01
CA ASN C 298 21.48 26.34 21.39
C ASN C 298 19.95 26.41 21.57
N GLN C 299 19.28 27.20 20.74
CA GLN C 299 17.84 27.45 20.88
C GLN C 299 16.95 26.54 20.03
N ASN C 300 16.07 25.79 20.67
CA ASN C 300 15.16 24.95 19.90
C ASN C 300 13.78 25.52 19.85
N PRO C 301 13.24 25.70 18.63
CA PRO C 301 11.93 26.29 18.35
C PRO C 301 10.79 25.60 19.08
N ASP C 302 9.78 26.41 19.41
CA ASP C 302 8.57 25.93 20.05
C ASP C 302 7.58 25.67 18.94
N LEU C 303 7.09 24.45 18.89
CA LEU C 303 6.21 24.03 17.79
C LEU C 303 4.77 23.75 18.23
N THR C 304 4.53 23.73 19.53
CA THR C 304 3.17 23.58 19.98
C THR C 304 2.32 24.66 19.31
N GLY C 305 1.06 24.36 19.09
CA GLY C 305 0.22 25.32 18.41
C GLY C 305 0.07 24.97 16.94
N LEU C 306 1.10 24.33 16.39
CA LEU C 306 0.92 23.69 15.10
C LEU C 306 -0.13 22.64 15.38
N CYS C 307 -0.17 22.22 16.65
CA CYS C 307 -1.19 21.30 17.13
C CYS C 307 -2.58 21.98 17.22
N GLU C 308 -2.60 23.30 17.28
CA GLU C 308 -3.86 24.04 17.14
C GLU C 308 -3.93 24.78 15.80
N ASP C 313 -2.13 31.12 17.43
CA ASP C 313 -1.58 32.45 17.20
C ASP C 313 -0.72 32.43 15.97
N HIS C 314 -0.62 33.61 15.34
CA HIS C 314 0.22 33.64 14.16
C HIS C 314 1.64 34.08 14.47
N ILE C 315 2.48 34.01 13.45
CA ILE C 315 3.71 34.74 13.41
C ILE C 315 4.16 34.56 12.00
N LYS C 316 5.06 35.41 11.54
CA LYS C 316 5.23 35.60 10.12
C LYS C 316 6.67 35.33 9.65
N VAL C 317 6.79 34.85 8.41
CA VAL C 317 8.10 34.63 7.81
C VAL C 317 8.46 35.81 6.92
N THR C 318 9.59 36.46 7.18
CA THR C 318 10.01 37.62 6.37
C THR C 318 10.48 37.18 4.98
N GLN C 319 10.48 38.12 4.04
CA GLN C 319 10.99 37.83 2.71
C GLN C 319 12.45 37.45 2.84
N GLU C 320 13.13 38.08 3.80
CA GLU C 320 14.52 37.76 4.06
C GLU C 320 14.67 36.26 4.28
N GLN C 321 13.78 35.71 5.10
CA GLN C 321 13.85 34.30 5.48
C GLN C 321 13.60 33.32 4.33
N TYR C 322 12.65 33.66 3.46
CA TYR C 322 12.37 32.84 2.30
C TYR C 322 13.55 32.90 1.35
N GLU C 323 14.24 34.04 1.36
CA GLU C 323 15.37 34.26 0.47
C GLU C 323 16.54 33.45 0.96
N LEU C 324 16.61 33.29 2.28
CA LEU C 324 17.62 32.43 2.90
C LEU C 324 17.39 30.96 2.54
N TYR C 325 16.18 30.47 2.81
CA TYR C 325 15.80 29.09 2.53
C TYR C 325 16.23 28.68 1.13
N CYS C 326 15.85 29.50 0.15
CA CYS C 326 16.23 29.29 -1.25
C CYS C 326 17.73 29.33 -1.45
N GLU C 327 18.36 30.38 -0.92
CA GLU C 327 19.79 30.62 -1.08
C GLU C 327 20.59 29.45 -0.53
N MET C 328 20.01 28.78 0.46
CA MET C 328 20.72 27.79 1.25
C MET C 328 20.55 26.37 0.74
N GLY C 329 20.18 26.26 -0.53
CA GLY C 329 20.23 25.01 -1.24
C GLY C 329 18.89 24.38 -1.47
N SER C 330 17.81 25.01 -1.05
CA SER C 330 16.51 24.44 -1.34
C SER C 330 16.30 24.44 -2.87
N THR C 331 16.89 25.44 -3.55
CA THR C 331 16.75 25.48 -5.01
C THR C 331 17.90 24.73 -5.67
N PHE C 332 17.63 24.22 -6.86
CA PHE C 332 18.65 23.55 -7.63
C PHE C 332 18.89 24.26 -8.95
N GLN C 333 20.11 24.77 -9.13
CA GLN C 333 20.54 25.40 -10.37
C GLN C 333 19.58 26.47 -10.84
N LEU C 334 19.06 27.24 -9.91
CA LEU C 334 18.15 28.32 -10.27
C LEU C 334 18.85 29.65 -10.19
N CYS C 335 18.38 30.57 -11.03
CA CYS C 335 18.70 31.98 -10.92
C CYS C 335 18.45 32.47 -9.51
N LYS C 336 19.46 33.07 -8.90
CA LYS C 336 19.35 33.59 -7.53
C LYS C 336 18.51 34.86 -7.48
N ILE C 337 18.30 35.47 -8.63
CA ILE C 337 17.49 36.69 -8.73
C ILE C 337 16.01 36.40 -8.54
N CYS C 338 15.47 35.55 -9.41
CA CYS C 338 14.05 35.21 -9.38
C CYS C 338 13.78 33.92 -8.62
N ALA C 339 14.80 33.07 -8.57
CA ALA C 339 14.68 31.78 -7.90
C ALA C 339 13.58 30.98 -8.59
N GLU C 340 13.44 31.21 -9.90
CA GLU C 340 12.38 30.56 -10.62
C GLU C 340 12.89 29.90 -11.87
N ASN C 341 13.73 30.62 -12.59
CA ASN C 341 14.27 30.12 -13.85
C ASN C 341 15.66 29.52 -13.68
N ASP C 342 15.99 28.58 -14.55
CA ASP C 342 17.30 27.96 -14.54
C ASP C 342 18.38 29.04 -14.74
N LYS C 343 19.56 28.83 -14.17
CA LYS C 343 20.72 29.62 -14.54
C LYS C 343 21.19 29.16 -15.91
N ASP C 344 21.02 30.00 -16.94
CA ASP C 344 21.39 29.58 -18.28
C ASP C 344 22.37 30.53 -18.96
N VAL C 345 22.83 31.53 -18.23
CA VAL C 345 23.74 32.51 -18.83
C VAL C 345 24.84 32.99 -17.88
N LYS C 346 26.00 33.33 -18.46
CA LYS C 346 27.11 33.88 -17.71
C LYS C 346 27.46 35.28 -18.20
N ILE C 347 27.73 36.19 -17.27
CA ILE C 347 28.13 37.55 -17.61
C ILE C 347 29.65 37.67 -17.59
N GLU C 348 30.19 38.25 -18.65
CA GLU C 348 31.62 38.55 -18.72
C GLU C 348 31.81 40.07 -18.78
N PRO C 349 32.83 40.59 -18.10
CA PRO C 349 33.92 39.89 -17.41
C PRO C 349 33.63 39.35 -16.00
N CYS C 350 32.66 39.90 -15.27
CA CYS C 350 32.51 39.54 -13.85
C CYS C 350 32.29 38.07 -13.57
N GLY C 351 31.62 37.36 -14.47
CA GLY C 351 31.39 35.94 -14.32
C GLY C 351 30.14 35.52 -13.59
N HIS C 352 29.31 36.46 -13.18
CA HIS C 352 28.08 36.10 -12.46
C HIS C 352 27.06 35.39 -13.34
N LEU C 353 26.34 34.45 -12.76
CA LEU C 353 25.37 33.66 -13.52
C LEU C 353 23.93 33.95 -13.10
N MET C 354 23.03 33.83 -14.06
CA MET C 354 21.62 34.14 -13.85
C MET C 354 20.83 33.49 -14.97
N CYS C 355 19.51 33.67 -14.97
CA CYS C 355 18.70 33.21 -16.10
C CYS C 355 18.63 34.31 -17.14
N THR C 356 18.42 33.93 -18.38
CA THR C 356 18.30 34.91 -19.44
C THR C 356 17.06 35.80 -19.24
N SER C 357 16.05 35.28 -18.57
CA SER C 357 14.82 36.05 -18.32
C SER C 357 15.06 37.25 -17.41
N CYS C 358 15.90 37.08 -16.40
CA CYS C 358 16.26 38.20 -15.55
C CYS C 358 17.27 39.13 -16.21
N LEU C 359 18.21 38.58 -16.97
CA LEU C 359 19.20 39.40 -17.66
C LEU C 359 18.57 40.31 -18.70
N THR C 360 17.66 39.75 -19.49
CA THR C 360 16.99 40.50 -20.55
C THR C 360 16.16 41.62 -19.95
N SER C 361 15.28 41.26 -19.03
CA SER C 361 14.51 42.24 -18.28
C SER C 361 15.45 43.34 -17.76
N TRP C 362 16.64 42.93 -17.37
CA TRP C 362 17.60 43.87 -16.78
C TRP C 362 18.17 44.86 -17.79
N GLN C 363 18.97 44.36 -18.73
CA GLN C 363 19.61 45.20 -19.75
C GLN C 363 18.67 46.21 -20.42
N GLU C 364 17.36 45.94 -20.38
CA GLU C 364 16.36 46.74 -21.09
C GLU C 364 15.59 47.73 -20.20
N SER C 365 15.61 47.50 -18.90
CA SER C 365 14.89 48.35 -17.95
C SER C 365 15.79 49.04 -16.91
N GLU C 366 16.84 48.36 -16.47
CA GLU C 366 17.71 48.93 -15.44
C GLU C 366 19.15 49.20 -15.88
N GLY C 367 19.49 48.83 -17.11
CA GLY C 367 20.72 49.28 -17.71
C GLY C 367 21.89 48.33 -17.71
N GLN C 368 22.89 48.71 -18.51
CA GLN C 368 24.00 47.86 -18.91
C GLN C 368 24.83 47.18 -17.81
N GLY C 369 24.63 47.54 -16.53
CA GLY C 369 25.42 46.99 -15.45
C GLY C 369 24.93 45.63 -14.99
N CYS C 370 25.81 44.81 -14.41
CA CYS C 370 25.40 43.53 -13.83
C CYS C 370 24.56 43.70 -12.57
N PRO C 371 23.58 42.81 -12.37
CA PRO C 371 22.66 42.93 -11.25
C PRO C 371 23.29 42.70 -9.88
N PHE C 372 24.37 41.92 -9.81
CA PHE C 372 24.93 41.56 -8.51
C PHE C 372 26.03 42.52 -8.10
N CYS C 373 26.79 42.98 -9.09
CA CYS C 373 28.00 43.72 -8.80
C CYS C 373 28.13 45.08 -9.54
N ARG C 374 27.27 45.32 -10.53
CA ARG C 374 27.20 46.63 -11.17
C ARG C 374 28.23 46.82 -12.26
N CYS C 375 29.06 45.83 -12.54
CA CYS C 375 30.09 46.00 -13.54
C CYS C 375 29.50 45.85 -14.92
N GLU C 376 30.07 46.58 -15.86
CA GLU C 376 29.54 46.65 -17.20
C GLU C 376 29.53 45.27 -17.87
N ILE C 377 28.41 44.97 -18.49
CA ILE C 377 28.25 43.71 -19.15
C ILE C 377 28.98 43.86 -20.45
N LYS C 378 30.04 43.09 -20.63
CA LYS C 378 30.82 43.24 -21.84
C LYS C 378 30.60 42.10 -22.84
N GLY C 379 29.97 41.01 -22.40
CA GLY C 379 29.73 39.84 -23.25
C GLY C 379 28.89 38.80 -22.52
N THR C 380 28.54 37.71 -23.20
CA THR C 380 27.75 36.65 -22.56
C THR C 380 28.12 35.26 -23.07
N GLU C 381 28.31 34.33 -22.15
CA GLU C 381 28.47 32.92 -22.48
C GLU C 381 27.19 32.23 -22.04
N PRO C 382 26.67 31.34 -22.89
CA PRO C 382 25.53 30.49 -22.56
C PRO C 382 26.00 29.32 -21.69
N ILE C 383 25.26 28.98 -20.63
CA ILE C 383 25.70 27.88 -19.78
C ILE C 383 24.60 26.85 -19.59
N VAL C 384 25.01 25.67 -19.15
CA VAL C 384 24.07 24.57 -18.92
C VAL C 384 24.07 24.14 -17.46
N VAL C 385 25.16 24.43 -16.76
CA VAL C 385 25.28 24.09 -15.34
C VAL C 385 26.27 24.98 -14.59
N ASP C 386 25.95 25.33 -13.34
CA ASP C 386 26.89 26.02 -12.47
C ASP C 386 27.37 25.06 -11.40
N PRO C 387 28.55 24.48 -11.59
CA PRO C 387 29.02 23.53 -10.59
C PRO C 387 29.09 24.16 -9.22
N PHE C 388 29.07 25.48 -9.14
CA PHE C 388 29.19 26.14 -7.83
C PHE C 388 27.90 26.67 -7.26
N ASP C 389 26.78 26.33 -7.90
CA ASP C 389 25.47 26.63 -7.35
C ASP C 389 25.29 25.99 -5.97
N SER D 4 24.48 2.45 12.30
CA SER D 4 25.68 3.09 11.79
C SER D 4 25.49 3.52 10.32
N ASP D 5 24.69 2.74 9.60
CA ASP D 5 24.47 2.93 8.18
C ASP D 5 23.02 2.66 7.89
N GLY D 6 22.27 2.31 8.93
CA GLY D 6 20.87 1.99 8.75
C GLY D 6 19.95 2.94 9.49
N PTR D 7 18.65 2.69 9.38
CA PTR D 7 17.67 3.48 10.13
C PTR D 7 17.25 2.77 11.43
O PTR D 7 16.77 1.62 11.40
CB PTR D 7 16.45 3.86 9.27
CG PTR D 7 16.78 4.84 8.15
CD1 PTR D 7 17.30 6.08 8.45
CD2 PTR D 7 16.61 4.49 6.81
CE1 PTR D 7 17.62 6.98 7.44
CE2 PTR D 7 16.91 5.38 5.79
CZ PTR D 7 17.43 6.62 6.12
OH PTR D 7 17.73 7.43 5.24
P PTR D 7 17.29 7.26 3.70
O1P PTR D 7 18.12 6.19 3.12
O2P PTR D 7 17.58 8.60 3.03
O3P PTR D 7 15.80 6.89 3.57
N THR D 8 17.45 3.45 12.55
CA THR D 8 17.09 2.90 13.85
C THR D 8 15.67 3.26 14.26
N PRO D 9 15.10 2.53 15.24
CA PRO D 9 13.76 2.92 15.69
C PRO D 9 13.88 4.25 16.42
N GLU D 10 12.79 5.01 16.44
CA GLU D 10 12.75 6.29 17.12
C GLU D 10 13.14 6.08 18.58
N PRO D 11 14.09 6.87 19.10
CA PRO D 11 14.58 6.76 20.48
C PRO D 11 13.50 6.64 21.57
N ALA D 12 13.84 6.00 22.69
CA ALA D 12 12.94 5.87 23.84
C ALA D 12 12.08 7.11 24.11
ZN ZN E . -22.84 -32.34 -5.38
ZN ZN F . -31.82 -39.75 2.24
CA CA G . -13.64 -15.91 -4.96
ZN ZN H . 16.10 34.88 -13.03
ZN ZN I . 28.60 40.70 -11.81
CA CA J . 8.12 18.27 -10.84
#